data_3EGH
#
_entry.id   3EGH
#
_cell.length_a   119.409
_cell.length_b   84.426
_cell.length_c   109.314
_cell.angle_alpha   90.00
_cell.angle_beta   93.58
_cell.angle_gamma   90.00
#
_symmetry.space_group_name_H-M   'C 1 2 1'
#
loop_
_entity.id
_entity.type
_entity.pdbx_description
1 polymer 'Serine/threonine-protein phosphatase PP1-alpha catalytic subunit'
2 polymer Spinophilin
3 polymer 'nodularin R'
4 non-polymer GLYCEROL
5 non-polymer 'MANGANESE (II) ION'
6 water water
#
loop_
_entity_poly.entity_id
_entity_poly.type
_entity_poly.pdbx_seq_one_letter_code
_entity_poly.pdbx_strand_id
1 'polypeptide(L)'
;GHMGSLNLDSIIGRLLEVQGSRPGKNVQLTENEIRGLCLKSREIFLSQPILLELEAPLKICGDIHGQYYDLLRLFEYGGF
PPESNYLFLGDYVDRGKQSLETICLLLAYKIKYPENFFLLRGNHECASINRIYGFYDECKRRYNIKLWKTFTDCFNCLPI
AAIVDEKIFCCHGGLSPDLQSMEQIRRIMRPTDVPDQGLLCDLLWSDPDKDVQGWGENDRGVSFTFGAEVVAKFLHKHDL
DLICRAHQVVEDGYEFFAKRQLVTLFSAPNYCGEFDNAGAMMSVDETLMCSFQILKPADKNKGKYGQFSGLNPGGRPITP
PRNSAKAKK
;
A,B
2 'polypeptide(L)'
;GSMDEEDGEPPYEPESGCVEIPGLSEEEDPAPSRKIHFSTAPIQVFSTYSNEDYDRRNEDVDPMAASAEYELEKRVERLE
LFPVELEKDSEGLGISIIGMGAGADMGLEKLGIFVKTVTEGGAAHRDGRIQVNDLLVEVDGTSLVGVTQSFAASVLRNTK
GRVRFMIGRE
;
C,D
3 'polypeptide(L)' (ACB)R(1ZN)(FGA)(MDH) E,F
#
loop_
_chem_comp.id
_chem_comp.type
_chem_comp.name
_chem_comp.formula
1ZN peptide-like '(2S,3S,4E,6E,8S,9S)-3-amino-9-methoxy-2,6,8-trimethyl-10-phenyldeca-4,6-dienoic acid' 'C20 H29 N O3'
ACB D-beta-peptide, C-gamma linking '3-METHYL-BETA-D-ASPARTIC ACID' 'C5 H9 N O4'
FGA D-gamma-peptide, C-delta linking 'GAMMA-D-GLUTAMIC ACID' 'C5 H9 N O4'
GOL non-polymer GLYCEROL 'C3 H8 O3'
MN non-polymer 'MANGANESE (II) ION' 'Mn 2'
#
# COMPACT_ATOMS: atom_id res chain seq x y z
N LEU A 6 17.48 3.05 -5.89
CA LEU A 6 17.27 3.60 -4.51
C LEU A 6 16.31 4.78 -4.47
N ASN A 7 16.43 5.71 -5.44
CA ASN A 7 15.49 6.82 -5.61
C ASN A 7 15.34 7.82 -4.43
N LEU A 8 16.45 8.19 -3.78
CA LEU A 8 16.38 8.73 -2.41
C LEU A 8 15.74 10.10 -2.30
N ASP A 9 16.15 11.00 -3.19
CA ASP A 9 15.57 12.34 -3.15
C ASP A 9 14.08 12.37 -3.47
N SER A 10 13.63 11.45 -4.32
CA SER A 10 12.22 11.26 -4.66
C SER A 10 11.44 10.79 -3.44
N ILE A 11 12.03 9.84 -2.72
CA ILE A 11 11.43 9.32 -1.50
C ILE A 11 11.29 10.44 -0.49
N ILE A 12 12.39 11.16 -0.23
CA ILE A 12 12.34 12.29 0.69
C ILE A 12 11.28 13.32 0.25
N GLY A 13 11.26 13.65 -1.03
CA GLY A 13 10.28 14.62 -1.54
C GLY A 13 8.85 14.19 -1.20
N ARG A 14 8.53 12.92 -1.42
CA ARG A 14 7.20 12.43 -1.17
C ARG A 14 6.87 12.37 0.32
N LEU A 15 7.88 12.11 1.16
CA LEU A 15 7.66 12.07 2.58
C LEU A 15 7.39 13.46 3.11
N LEU A 16 8.04 14.47 2.53
CA LEU A 16 7.89 15.88 2.96
C LEU A 16 6.68 16.60 2.33
N GLU A 17 6.02 15.94 1.39
CA GLU A 17 4.97 16.52 0.56
C GLU A 17 3.76 16.89 1.40
N VAL A 18 3.62 16.21 2.53
CA VAL A 18 2.47 16.37 3.42
C VAL A 18 2.68 17.42 4.51
N GLN A 19 3.79 18.14 4.42
CA GLN A 19 4.07 19.19 5.38
C GLN A 19 2.96 20.21 5.58
N GLY A 20 2.28 20.61 4.49
CA GLY A 20 1.15 21.54 4.62
C GLY A 20 -0.24 20.93 4.79
N SER A 21 -0.32 19.61 5.00
CA SER A 21 -1.62 18.89 5.03
C SER A 21 -2.15 18.77 6.45
N ARG A 22 -3.45 18.51 6.57
CA ARG A 22 -4.04 18.16 7.85
C ARG A 22 -3.29 16.94 8.42
N PRO A 23 -2.79 17.04 9.66
CA PRO A 23 -2.08 15.91 10.20
C PRO A 23 -2.89 14.61 10.20
N GLY A 24 -2.19 13.51 10.01
CA GLY A 24 -2.81 12.19 9.91
C GLY A 24 -2.76 11.60 8.53
N LYS A 25 -2.62 12.46 7.51
CA LYS A 25 -2.52 12.02 6.10
C LYS A 25 -1.30 11.10 5.87
N ASN A 26 -1.50 9.91 5.32
CA ASN A 26 -0.41 8.95 5.08
C ASN A 26 0.44 9.31 3.85
N VAL A 27 1.70 8.87 3.89
CA VAL A 27 2.56 8.77 2.72
C VAL A 27 2.79 7.28 2.52
N GLN A 28 2.35 6.74 1.40
CA GLN A 28 2.48 5.32 1.14
C GLN A 28 3.56 5.14 0.07
N LEU A 29 4.79 4.90 0.52
CA LEU A 29 5.89 4.57 -0.37
C LEU A 29 5.69 3.11 -0.83
N THR A 30 6.38 2.69 -1.87
CA THR A 30 6.25 1.33 -2.28
C THR A 30 7.08 0.45 -1.35
N GLU A 31 6.75 -0.83 -1.36
CA GLU A 31 7.43 -1.82 -0.59
C GLU A 31 8.93 -1.84 -1.00
N ASN A 32 9.22 -1.84 -2.30
CA ASN A 32 10.61 -1.90 -2.76
C ASN A 32 11.40 -0.70 -2.24
N GLU A 33 10.74 0.45 -2.17
CA GLU A 33 11.36 1.68 -1.63
C GLU A 33 11.78 1.61 -0.16
N ILE A 34 10.87 1.09 0.66
CA ILE A 34 11.07 0.94 2.08
C ILE A 34 12.13 -0.15 2.32
N ARG A 35 12.08 -1.26 1.58
CA ARG A 35 13.11 -2.30 1.62
CA ARG A 35 13.12 -2.28 1.70
C ARG A 35 14.51 -1.74 1.34
N GLY A 36 14.60 -0.88 0.33
CA GLY A 36 15.87 -0.24 -0.03
C GLY A 36 16.43 0.66 1.09
N LEU A 37 15.58 1.44 1.74
CA LEU A 37 15.98 2.25 2.89
C LEU A 37 16.48 1.33 4.03
N CYS A 38 15.76 0.27 4.33
CA CYS A 38 16.19 -0.64 5.38
C CYS A 38 17.54 -1.26 5.03
N LEU A 39 17.78 -1.63 3.78
CA LEU A 39 18.99 -2.36 3.46
C LEU A 39 20.21 -1.43 3.39
N LYS A 40 19.99 -0.22 2.86
CA LYS A 40 21.06 0.76 2.77
C LYS A 40 21.50 1.29 4.15
N SER A 41 20.54 1.62 4.99
CA SER A 41 20.84 2.17 6.27
C SER A 41 21.52 1.12 7.16
N ARG A 42 21.09 -0.12 7.08
CA ARG A 42 21.73 -1.22 7.80
C ARG A 42 23.25 -1.31 7.48
N GLU A 43 23.64 -1.13 6.21
CA GLU A 43 25.05 -1.20 5.83
C GLU A 43 25.73 -0.03 6.51
N ILE A 44 25.09 1.12 6.52
CA ILE A 44 25.71 2.31 7.11
C ILE A 44 25.91 2.13 8.62
N PHE A 45 24.86 1.73 9.33
CA PHE A 45 24.94 1.45 10.76
C PHE A 45 26.07 0.49 11.11
N LEU A 46 26.23 -0.58 10.30
CA LEU A 46 27.29 -1.55 10.57
C LEU A 46 28.69 -1.00 10.30
N SER A 47 28.82 -0.06 9.37
CA SER A 47 30.10 0.51 9.01
C SER A 47 30.57 1.61 9.97
N GLN A 48 29.68 2.08 10.83
CA GLN A 48 29.99 3.09 11.84
C GLN A 48 30.04 2.36 13.20
N PRO A 49 30.74 2.94 14.18
CA PRO A 49 30.89 2.24 15.48
C PRO A 49 29.55 2.10 16.24
N ILE A 50 29.44 1.07 17.06
CA ILE A 50 28.24 0.85 17.90
C ILE A 50 28.15 1.86 19.06
N LEU A 51 29.33 2.31 19.50
CA LEU A 51 29.44 3.42 20.41
C LEU A 51 29.88 4.67 19.59
N LEU A 52 28.95 5.53 19.23
CA LEU A 52 29.28 6.68 18.35
C LEU A 52 30.09 7.72 19.08
N GLU A 53 31.07 8.30 18.39
CA GLU A 53 31.86 9.36 18.94
C GLU A 53 31.59 10.64 18.11
N LEU A 54 30.84 11.59 18.67
CA LEU A 54 30.30 12.74 17.92
C LEU A 54 30.85 14.07 18.40
N GLU A 55 30.80 15.06 17.52
CA GLU A 55 31.23 16.39 17.84
C GLU A 55 30.13 17.41 17.64
N ALA A 56 30.09 18.39 18.53
CA ALA A 56 29.19 19.50 18.48
C ALA A 56 29.53 20.33 17.21
N PRO A 57 28.58 21.11 16.67
CA PRO A 57 27.23 21.34 17.15
C PRO A 57 26.32 20.19 16.76
N LEU A 58 25.27 20.00 17.57
CA LEU A 58 24.42 18.86 17.41
C LEU A 58 23.08 19.18 18.09
N LYS A 59 22.00 18.67 17.56
CA LYS A 59 20.71 18.73 18.25
CA LYS A 59 20.68 18.73 18.19
C LYS A 59 20.29 17.31 18.60
N ILE A 60 19.78 17.14 19.82
CA ILE A 60 19.50 15.80 20.36
C ILE A 60 18.01 15.69 20.67
N CYS A 61 17.37 14.68 20.08
CA CYS A 61 15.95 14.43 20.31
C CYS A 61 15.69 13.12 21.00
N GLY A 62 14.63 13.10 21.82
CA GLY A 62 14.17 11.87 22.42
C GLY A 62 13.06 11.18 21.63
N ASP A 63 12.21 10.45 22.34
CA ASP A 63 11.27 9.51 21.74
C ASP A 63 10.35 10.21 20.73
N ILE A 64 10.05 9.52 19.61
CA ILE A 64 9.06 10.01 18.63
C ILE A 64 7.79 9.21 18.58
N HIS A 65 7.91 7.88 18.63
CA HIS A 65 6.78 6.98 18.68
C HIS A 65 5.77 7.22 17.59
N GLY A 66 6.26 7.26 16.35
CA GLY A 66 5.38 7.35 15.18
C GLY A 66 4.53 8.58 15.08
N GLN A 67 4.85 9.64 15.82
CA GLN A 67 4.09 10.88 15.69
C GLN A 67 4.71 11.69 14.55
N TYR A 68 4.41 11.23 13.33
CA TYR A 68 5.04 11.76 12.12
C TYR A 68 4.93 13.28 12.05
N TYR A 69 3.76 13.85 12.33
CA TYR A 69 3.58 15.29 12.08
C TYR A 69 4.31 16.13 13.09
N ASP A 70 4.50 15.57 14.28
CA ASP A 70 5.33 16.22 15.30
C ASP A 70 6.81 16.21 14.92
N LEU A 71 7.28 15.12 14.29
CA LEU A 71 8.66 15.03 13.76
C LEU A 71 8.89 16.10 12.70
N LEU A 72 7.93 16.27 11.80
CA LEU A 72 8.03 17.31 10.78
C LEU A 72 8.16 18.71 11.40
N ARG A 73 7.43 18.96 12.50
CA ARG A 73 7.52 20.24 13.18
C ARG A 73 8.88 20.39 13.83
N LEU A 74 9.38 19.31 14.44
CA LEU A 74 10.69 19.33 15.06
CA LEU A 74 10.71 19.32 15.05
C LEU A 74 11.79 19.72 14.06
N PHE A 75 11.73 19.14 12.86
CA PHE A 75 12.66 19.57 11.79
C PHE A 75 12.41 21.01 11.30
N GLU A 76 11.14 21.39 11.14
CA GLU A 76 10.80 22.73 10.73
C GLU A 76 11.47 23.76 11.66
N TYR A 77 11.34 23.52 12.98
CA TYR A 77 11.84 24.48 13.97
C TYR A 77 13.32 24.34 14.30
N GLY A 78 13.82 23.10 14.25
CA GLY A 78 15.22 22.80 14.54
C GLY A 78 16.16 22.96 13.34
N GLY A 79 15.59 22.99 12.12
CA GLY A 79 16.34 23.00 10.86
C GLY A 79 16.34 21.58 10.28
N PHE A 80 15.85 21.43 9.06
CA PHE A 80 15.90 20.16 8.34
C PHE A 80 17.32 19.76 8.06
N PRO A 81 17.62 18.47 8.14
CA PRO A 81 18.96 18.09 7.73
C PRO A 81 19.19 18.59 6.29
N PRO A 82 20.41 19.09 5.98
CA PRO A 82 21.57 19.09 6.85
C PRO A 82 21.86 20.42 7.57
N GLU A 83 20.86 21.28 7.72
CA GLU A 83 21.04 22.59 8.37
C GLU A 83 21.58 22.41 9.80
N SER A 84 21.02 21.42 10.51
CA SER A 84 21.50 21.01 11.81
C SER A 84 21.92 19.55 11.75
N ASN A 85 22.91 19.20 12.58
CA ASN A 85 23.29 17.80 12.80
C ASN A 85 22.35 17.27 13.87
N TYR A 86 21.89 16.03 13.78
CA TYR A 86 20.93 15.46 14.74
C TYR A 86 21.46 14.16 15.30
N LEU A 87 21.18 13.93 16.56
CA LEU A 87 21.27 12.60 17.17
C LEU A 87 19.89 12.32 17.75
N PHE A 88 19.26 11.21 17.33
CA PHE A 88 18.04 10.76 17.99
C PHE A 88 18.35 9.61 18.90
N LEU A 89 17.63 9.54 20.03
CA LEU A 89 17.96 8.59 21.05
C LEU A 89 17.12 7.33 21.03
N GLY A 90 16.32 7.11 19.98
CA GLY A 90 15.56 5.83 19.85
C GLY A 90 14.05 6.00 20.02
N ASP A 91 13.32 4.87 20.03
CA ASP A 91 11.86 4.86 20.11
C ASP A 91 11.16 5.68 19.00
N TYR A 92 11.42 5.24 17.76
CA TYR A 92 10.89 5.86 16.55
C TYR A 92 9.56 5.30 16.23
N VAL A 93 9.35 4.06 16.66
CA VAL A 93 8.14 3.30 16.31
C VAL A 93 7.29 2.94 17.52
N ASP A 94 6.12 2.34 17.25
CA ASP A 94 5.10 1.93 18.23
C ASP A 94 4.29 3.12 18.75
N ARG A 95 3.08 2.82 19.24
CA ARG A 95 2.07 3.75 19.83
C ARG A 95 1.44 4.70 18.83
N GLY A 96 2.25 5.39 18.01
CA GLY A 96 1.71 6.32 16.99
C GLY A 96 1.09 5.60 15.81
N LYS A 97 0.36 6.34 14.98
CA LYS A 97 -0.29 5.79 13.79
C LYS A 97 0.59 5.87 12.56
N GLN A 98 1.71 6.60 12.66
CA GLN A 98 2.60 6.78 11.53
C GLN A 98 4.06 6.47 11.82
N SER A 99 4.30 5.29 12.38
CA SER A 99 5.64 4.79 12.60
C SER A 99 6.39 4.65 11.28
N LEU A 100 5.71 4.23 10.21
CA LEU A 100 6.36 3.98 8.90
C LEU A 100 6.91 5.24 8.27
N GLU A 101 6.09 6.29 8.20
CA GLU A 101 6.60 7.55 7.77
C GLU A 101 7.78 8.04 8.59
N THR A 102 7.63 7.94 9.90
CA THR A 102 8.65 8.39 10.84
C THR A 102 9.97 7.68 10.61
N ILE A 103 9.99 6.36 10.70
CA ILE A 103 11.25 5.62 10.48
C ILE A 103 11.78 5.76 9.06
N CYS A 104 10.90 5.83 8.04
CA CYS A 104 11.42 6.02 6.67
C CYS A 104 12.11 7.38 6.47
N LEU A 105 11.50 8.47 6.95
CA LEU A 105 12.16 9.77 6.85
C LEU A 105 13.50 9.78 7.57
N LEU A 106 13.54 9.18 8.76
CA LEU A 106 14.83 9.17 9.52
C LEU A 106 15.87 8.33 8.83
N LEU A 107 15.48 7.12 8.34
CA LEU A 107 16.44 6.31 7.57
C LEU A 107 16.93 7.01 6.30
N ALA A 108 16.02 7.65 5.60
CA ALA A 108 16.38 8.41 4.42
C ALA A 108 17.47 9.47 4.75
N TYR A 109 17.32 10.16 5.88
CA TYR A 109 18.26 11.25 6.22
C TYR A 109 19.61 10.66 6.67
N LYS A 110 19.55 9.48 7.29
CA LYS A 110 20.76 8.78 7.69
C LYS A 110 21.57 8.39 6.44
N ILE A 111 20.87 7.89 5.45
CA ILE A 111 21.45 7.48 4.17
C ILE A 111 22.05 8.66 3.39
N LYS A 112 21.32 9.78 3.33
CA LYS A 112 21.73 10.93 2.55
C LYS A 112 22.89 11.67 3.24
N TYR A 113 22.88 11.73 4.58
CA TYR A 113 23.84 12.55 5.37
C TYR A 113 24.46 11.71 6.49
N PRO A 114 25.17 10.63 6.11
CA PRO A 114 25.56 9.61 7.12
C PRO A 114 26.54 10.11 8.22
N GLU A 115 27.26 11.21 7.95
CA GLU A 115 28.24 11.74 8.90
C GLU A 115 27.67 12.91 9.72
N ASN A 116 26.42 13.29 9.46
CA ASN A 116 25.80 14.45 10.11
C ASN A 116 24.41 14.16 10.66
N PHE A 117 24.03 12.87 10.69
CA PHE A 117 22.69 12.51 11.11
C PHE A 117 22.81 11.13 11.73
N PHE A 118 22.31 10.99 12.96
CA PHE A 118 22.52 9.75 13.77
C PHE A 118 21.31 9.32 14.53
N LEU A 119 21.17 8.00 14.67
CA LEU A 119 20.04 7.34 15.24
C LEU A 119 20.54 6.28 16.20
N LEU A 120 20.10 6.34 17.46
CA LEU A 120 20.38 5.26 18.43
C LEU A 120 19.18 4.30 18.49
N ARG A 121 19.42 3.14 19.08
CA ARG A 121 18.41 2.13 19.25
C ARG A 121 17.69 2.43 20.56
N GLY A 122 16.36 2.39 20.51
CA GLY A 122 15.51 2.48 21.68
C GLY A 122 14.97 1.09 22.04
N ASN A 123 14.35 0.96 23.20
CA ASN A 123 13.81 -0.34 23.59
C ASN A 123 12.68 -0.85 22.63
N HIS A 124 12.06 0.06 21.90
CA HIS A 124 11.04 -0.31 20.90
C HIS A 124 11.63 -0.69 19.54
N GLU A 125 12.95 -0.54 19.35
CA GLU A 125 13.57 -1.04 18.13
C GLU A 125 14.01 -2.47 18.34
N CYS A 126 13.03 -3.28 18.67
CA CYS A 126 13.24 -4.60 19.17
C CYS A 126 11.99 -5.35 18.82
N ALA A 127 12.15 -6.48 18.14
CA ALA A 127 10.99 -7.21 17.62
C ALA A 127 10.06 -7.62 18.73
N SER A 128 10.60 -7.98 19.89
CA SER A 128 9.72 -8.57 20.88
C SER A 128 8.83 -7.46 21.52
N ILE A 129 9.19 -6.20 21.30
CA ILE A 129 8.44 -5.09 21.88
C ILE A 129 7.55 -4.46 20.81
N ASN A 130 8.12 -4.19 19.63
CA ASN A 130 7.33 -3.55 18.55
C ASN A 130 6.34 -4.51 17.85
N ARG A 131 6.51 -5.81 18.05
CA ARG A 131 5.49 -6.80 17.72
C ARG A 131 4.15 -6.46 18.42
N ILE A 132 4.29 -5.96 19.64
CA ILE A 132 3.22 -5.90 20.64
C ILE A 132 2.61 -4.47 20.70
N TYR A 133 3.44 -3.45 20.54
CA TYR A 133 3.01 -2.08 20.79
C TYR A 133 2.66 -1.24 19.55
N GLY A 134 2.50 -1.91 18.40
CA GLY A 134 1.81 -1.31 17.26
C GLY A 134 2.53 -1.38 15.91
N PHE A 135 3.85 -1.48 15.91
CA PHE A 135 4.59 -1.41 14.67
C PHE A 135 4.29 -2.60 13.77
N TYR A 136 4.25 -3.81 14.34
CA TYR A 136 3.96 -4.99 13.51
C TYR A 136 2.60 -4.82 12.87
N ASP A 137 1.62 -4.37 13.68
CA ASP A 137 0.25 -4.16 13.20
C ASP A 137 0.21 -3.18 12.02
N GLU A 138 1.02 -2.13 12.13
CA GLU A 138 1.06 -1.11 11.07
C GLU A 138 1.67 -1.69 9.80
N CYS A 139 2.82 -2.37 9.91
CA CYS A 139 3.41 -3.11 8.79
C CYS A 139 2.42 -4.14 8.18
N LYS A 140 1.75 -4.89 9.03
CA LYS A 140 0.81 -5.89 8.53
C LYS A 140 -0.34 -5.21 7.76
N ARG A 141 -0.84 -4.10 8.30
CA ARG A 141 -1.96 -3.39 7.70
C ARG A 141 -1.57 -2.70 6.39
N ARG A 142 -0.44 -1.98 6.40
CA ARG A 142 -0.08 -1.12 5.29
C ARG A 142 0.78 -1.81 4.26
N TYR A 143 1.48 -2.85 4.67
CA TYR A 143 2.44 -3.54 3.80
C TYR A 143 2.23 -5.03 4.00
N ASN A 144 3.20 -5.73 4.57
CA ASN A 144 3.03 -7.16 4.86
C ASN A 144 3.98 -7.49 6.00
N ILE A 145 3.86 -8.67 6.61
CA ILE A 145 4.73 -9.00 7.75
C ILE A 145 6.21 -9.25 7.39
N LYS A 146 6.47 -9.73 6.19
CA LYS A 146 7.82 -9.77 5.67
C LYS A 146 8.53 -8.39 5.78
N LEU A 147 7.81 -7.29 5.57
CA LEU A 147 8.44 -5.97 5.68
C LEU A 147 8.80 -5.66 7.13
N TRP A 148 7.95 -6.08 8.07
CA TRP A 148 8.26 -5.95 9.48
C TRP A 148 9.57 -6.69 9.84
N LYS A 149 9.76 -7.88 9.28
CA LYS A 149 11.03 -8.63 9.43
C LYS A 149 12.24 -7.90 8.85
N THR A 150 12.05 -7.19 7.74
CA THR A 150 13.13 -6.41 7.17
C THR A 150 13.56 -5.28 8.12
N PHE A 151 12.59 -4.58 8.68
CA PHE A 151 12.86 -3.58 9.71
C PHE A 151 13.58 -4.14 10.94
N THR A 152 13.17 -5.31 11.39
CA THR A 152 13.88 -5.96 12.48
C THR A 152 15.36 -6.16 12.16
N ASP A 153 15.68 -6.69 10.98
CA ASP A 153 17.08 -6.87 10.57
C ASP A 153 17.86 -5.56 10.62
N CYS A 154 17.21 -4.48 10.23
CA CYS A 154 17.75 -3.13 10.26
C CYS A 154 17.99 -2.64 11.71
N PHE A 155 16.95 -2.71 12.54
CA PHE A 155 16.98 -2.23 13.93
C PHE A 155 18.02 -2.98 14.76
N ASN A 156 18.26 -4.23 14.38
CA ASN A 156 19.28 -5.07 15.02
C ASN A 156 20.72 -4.58 14.82
N CYS A 157 20.89 -3.63 13.90
CA CYS A 157 22.19 -3.06 13.59
C CYS A 157 22.34 -1.64 14.09
N LEU A 158 21.29 -1.06 14.68
CA LEU A 158 21.42 0.34 15.22
C LEU A 158 22.54 0.48 16.28
N PRO A 159 23.29 1.61 16.31
CA PRO A 159 24.25 1.74 17.43
C PRO A 159 23.48 1.95 18.73
N ILE A 160 24.17 1.82 19.85
CA ILE A 160 23.54 1.71 21.15
C ILE A 160 23.75 2.94 22.00
N ALA A 161 24.83 3.68 21.76
CA ALA A 161 25.13 4.80 22.62
C ALA A 161 26.00 5.77 21.85
N ALA A 162 26.08 7.01 22.34
CA ALA A 162 26.97 8.02 21.71
C ALA A 162 27.63 8.84 22.79
N ILE A 163 28.88 9.24 22.56
CA ILE A 163 29.58 10.22 23.40
C ILE A 163 29.84 11.47 22.58
N VAL A 164 29.30 12.59 23.05
CA VAL A 164 29.42 13.88 22.36
C VAL A 164 30.54 14.70 22.99
N ASP A 165 31.55 15.03 22.17
CA ASP A 165 32.75 15.73 22.58
C ASP A 165 33.44 15.22 23.86
N GLU A 166 33.46 13.89 24.04
CA GLU A 166 34.09 13.26 25.18
C GLU A 166 33.47 13.70 26.52
N LYS A 167 32.30 14.36 26.47
CA LYS A 167 31.68 14.90 27.69
C LYS A 167 30.20 14.53 27.94
N ILE A 168 29.45 14.22 26.90
CA ILE A 168 28.05 13.89 27.09
C ILE A 168 27.79 12.46 26.65
N PHE A 169 27.40 11.59 27.58
CA PHE A 169 27.07 10.21 27.31
C PHE A 169 25.59 10.08 27.02
N CYS A 170 25.23 9.59 25.82
CA CYS A 170 23.87 9.51 25.37
C CYS A 170 23.48 8.07 25.15
N CYS A 171 22.31 7.68 25.64
CA CYS A 171 21.76 6.38 25.30
C CYS A 171 20.27 6.44 25.59
N HIS A 172 19.52 5.46 25.13
CA HIS A 172 18.09 5.59 25.21
C HIS A 172 17.55 5.54 26.65
N GLY A 173 17.96 4.51 27.39
CA GLY A 173 17.45 4.26 28.73
C GLY A 173 18.30 4.88 29.81
N GLY A 174 19.44 4.25 30.09
CA GLY A 174 20.32 4.77 31.12
C GLY A 174 21.49 3.87 31.39
N LEU A 175 21.98 3.89 32.62
CA LEU A 175 23.16 3.14 33.02
C LEU A 175 22.83 1.70 33.33
N SER A 176 23.90 0.91 33.47
CA SER A 176 23.84 -0.49 33.83
C SER A 176 24.72 -0.71 35.04
N PRO A 177 24.28 -1.55 36.00
CA PRO A 177 25.21 -1.92 37.07
C PRO A 177 26.46 -2.58 36.52
N ASP A 178 26.35 -3.17 35.33
CA ASP A 178 27.46 -3.92 34.73
C ASP A 178 28.43 -3.06 33.92
N LEU A 179 28.02 -1.85 33.58
CA LEU A 179 28.87 -0.94 32.81
C LEU A 179 30.03 -0.29 33.60
N GLN A 180 31.24 -0.76 33.33
CA GLN A 180 32.47 -0.29 33.99
C GLN A 180 33.47 0.31 33.03
N SER A 181 33.38 -0.08 31.77
CA SER A 181 34.30 0.37 30.71
C SER A 181 33.51 0.50 29.45
N MET A 182 33.75 1.60 28.70
CA MET A 182 33.16 1.82 27.38
C MET A 182 33.48 0.67 26.41
N GLU A 183 34.58 -0.03 26.63
CA GLU A 183 34.92 -1.17 25.77
C GLU A 183 33.81 -2.26 25.84
N GLN A 184 33.09 -2.33 26.95
CA GLN A 184 32.01 -3.31 27.06
C GLN A 184 30.90 -3.04 26.05
N ILE A 185 30.68 -1.76 25.73
CA ILE A 185 29.74 -1.40 24.69
C ILE A 185 30.38 -1.66 23.31
N ARG A 186 31.61 -1.22 23.11
CA ARG A 186 32.27 -1.35 21.80
C ARG A 186 32.40 -2.79 21.30
N ARG A 187 32.46 -3.77 22.20
CA ARG A 187 32.71 -5.15 21.78
C ARG A 187 31.42 -5.91 21.43
N ILE A 188 30.27 -5.27 21.63
CA ILE A 188 28.99 -5.87 21.26
C ILE A 188 28.91 -5.96 19.73
N MET A 189 28.67 -7.19 19.27
CA MET A 189 28.58 -7.51 17.85
C MET A 189 27.17 -7.35 17.32
N ARG A 190 27.03 -6.77 16.11
CA ARG A 190 25.75 -6.66 15.44
C ARG A 190 25.76 -7.46 14.15
N PRO A 191 24.57 -7.91 13.66
CA PRO A 191 23.24 -7.73 14.23
C PRO A 191 23.04 -8.44 15.58
N THR A 192 22.27 -7.80 16.45
CA THR A 192 21.93 -8.44 17.71
C THR A 192 20.52 -8.10 18.11
N ASP A 193 19.84 -9.04 18.74
CA ASP A 193 18.58 -8.74 19.43
C ASP A 193 18.90 -8.11 20.80
N VAL A 194 17.90 -7.52 21.45
CA VAL A 194 18.06 -6.99 22.80
C VAL A 194 17.73 -8.11 23.79
N PRO A 195 18.66 -8.45 24.71
CA PRO A 195 18.32 -9.52 25.66
C PRO A 195 17.43 -8.98 26.75
N ASP A 196 16.79 -9.87 27.49
CA ASP A 196 15.90 -9.43 28.56
C ASP A 196 16.66 -9.14 29.84
N GLN A 197 17.97 -9.33 29.81
CA GLN A 197 18.83 -8.88 30.93
C GLN A 197 20.28 -8.64 30.53
N GLY A 198 20.96 -7.78 31.29
CA GLY A 198 22.35 -7.50 31.03
C GLY A 198 22.59 -6.12 30.44
N LEU A 199 23.85 -5.84 30.14
CA LEU A 199 24.30 -4.49 29.72
C LEU A 199 23.42 -3.84 28.66
N LEU A 200 23.23 -4.54 27.55
CA LEU A 200 22.46 -3.99 26.42
C LEU A 200 21.01 -3.68 26.80
N CYS A 201 20.38 -4.63 27.51
CA CYS A 201 19.07 -4.43 28.07
C CYS A 201 18.99 -3.14 28.89
N ASP A 202 19.87 -3.00 29.90
CA ASP A 202 19.91 -1.82 30.78
C ASP A 202 20.10 -0.50 30.07
N LEU A 203 21.00 -0.46 29.09
CA LEU A 203 21.22 0.76 28.33
C LEU A 203 19.95 1.24 27.65
N LEU A 204 19.08 0.31 27.27
CA LEU A 204 17.82 0.60 26.56
C LEU A 204 16.58 0.69 27.48
N TRP A 205 16.71 0.20 28.71
CA TRP A 205 15.54 0.03 29.58
C TRP A 205 15.56 0.75 30.93
N SER A 206 16.74 1.15 31.43
CA SER A 206 16.85 1.59 32.83
C SER A 206 16.33 3.01 33.00
N ASP A 207 16.03 3.40 34.24
CA ASP A 207 15.44 4.71 34.53
C ASP A 207 16.12 5.29 35.76
N PRO A 208 16.35 6.61 35.78
CA PRO A 208 16.73 7.26 37.05
C PRO A 208 15.59 7.28 38.07
N ASP A 209 15.93 7.13 39.35
CA ASP A 209 14.91 7.22 40.42
C ASP A 209 15.43 8.01 41.61
N LYS A 210 14.76 9.12 41.91
CA LYS A 210 15.20 10.05 42.95
C LYS A 210 15.00 9.43 44.33
N ASP A 211 14.25 8.35 44.39
CA ASP A 211 13.93 7.70 45.64
C ASP A 211 14.84 6.53 45.95
N VAL A 212 15.65 6.11 44.98
CA VAL A 212 16.61 5.03 45.24
C VAL A 212 18.02 5.57 45.53
N GLN A 213 18.71 4.89 46.43
CA GLN A 213 20.14 5.08 46.65
C GLN A 213 20.83 3.84 46.01
N GLY A 214 21.70 4.07 45.02
CA GLY A 214 22.29 2.96 44.27
C GLY A 214 21.34 2.34 43.23
N TRP A 215 21.26 1.02 43.20
CA TRP A 215 20.46 0.31 42.20
C TRP A 215 19.16 -0.33 42.76
N GLY A 216 18.05 -0.13 42.05
CA GLY A 216 16.76 -0.62 42.52
C GLY A 216 16.06 -1.46 41.46
N GLU A 217 14.94 -2.09 41.85
CA GLU A 217 14.12 -2.86 40.91
C GLU A 217 13.36 -1.86 40.05
N ASN A 218 13.10 -2.20 38.79
CA ASN A 218 12.37 -1.30 37.89
C ASN A 218 10.92 -1.74 37.74
N ASP A 219 10.02 -0.77 37.92
CA ASP A 219 8.54 -0.93 37.81
C ASP A 219 8.13 -1.52 36.45
N ARG A 220 8.93 -1.27 35.42
CA ARG A 220 8.66 -1.85 34.11
C ARG A 220 8.68 -3.40 34.07
N GLY A 221 9.37 -4.05 35.01
CA GLY A 221 9.48 -5.52 35.03
C GLY A 221 10.73 -6.11 34.38
N VAL A 222 11.62 -5.22 33.95
CA VAL A 222 12.93 -5.53 33.35
C VAL A 222 13.88 -4.46 33.82
N SER A 223 15.16 -4.80 33.81
CA SER A 223 16.25 -3.86 34.11
C SER A 223 16.15 -3.22 35.51
N PHE A 224 16.70 -2.03 35.68
CA PHE A 224 16.91 -1.41 36.97
C PHE A 224 16.59 0.09 36.99
N THR A 225 16.49 0.64 38.20
CA THR A 225 16.53 2.08 38.40
C THR A 225 17.86 2.39 39.08
N PHE A 226 18.39 3.60 38.87
CA PHE A 226 19.66 4.00 39.50
C PHE A 226 19.47 5.36 40.14
N GLY A 227 20.19 5.60 41.24
CA GLY A 227 20.05 6.84 42.00
C GLY A 227 21.07 7.89 41.59
N ALA A 228 21.02 9.04 42.28
CA ALA A 228 21.76 10.20 41.85
C ALA A 228 23.24 10.01 42.07
N GLU A 229 23.61 9.20 43.06
CA GLU A 229 25.03 8.96 43.30
C GLU A 229 25.67 7.97 42.34
N VAL A 230 24.90 7.03 41.81
CA VAL A 230 25.34 6.19 40.70
C VAL A 230 25.72 7.09 39.52
N VAL A 231 24.91 8.13 39.28
CA VAL A 231 25.17 9.08 38.18
C VAL A 231 26.46 9.84 38.41
N ALA A 232 26.59 10.47 39.58
CA ALA A 232 27.81 11.23 39.96
C ALA A 232 29.10 10.43 39.83
N LYS A 233 29.06 9.19 40.33
CA LYS A 233 30.18 8.23 40.27
C LYS A 233 30.61 7.86 38.85
N PHE A 234 29.62 7.48 38.02
CA PHE A 234 29.84 7.19 36.63
C PHE A 234 30.55 8.34 35.89
N LEU A 235 30.03 9.56 36.08
CA LEU A 235 30.54 10.74 35.36
C LEU A 235 31.95 11.04 35.79
N HIS A 236 32.18 10.97 37.10
CA HIS A 236 33.50 11.20 37.62
C HIS A 236 34.50 10.15 37.12
N LYS A 237 34.11 8.88 37.12
CA LYS A 237 34.98 7.81 36.65
C LYS A 237 35.38 7.92 35.16
N HIS A 238 34.46 8.38 34.32
CA HIS A 238 34.67 8.43 32.90
C HIS A 238 34.98 9.85 32.39
N ASP A 239 35.26 10.77 33.31
CA ASP A 239 35.54 12.19 32.98
C ASP A 239 34.50 12.77 32.00
N LEU A 240 33.22 12.51 32.32
CA LEU A 240 32.06 12.93 31.55
C LEU A 240 31.35 14.00 32.34
N ASP A 241 30.55 14.81 31.66
CA ASP A 241 29.86 15.93 32.33
C ASP A 241 28.36 15.71 32.52
N LEU A 242 27.78 14.93 31.60
CA LEU A 242 26.33 14.82 31.49
C LEU A 242 25.89 13.49 30.88
N ILE A 243 24.84 12.90 31.41
CA ILE A 243 24.15 11.76 30.75
C ILE A 243 22.93 12.33 30.10
N CYS A 244 22.79 12.10 28.81
CA CYS A 244 21.60 12.53 28.08
C CYS A 244 20.82 11.28 27.63
N ARG A 245 19.60 11.09 28.16
CA ARG A 245 18.81 9.89 27.84
C ARG A 245 17.33 10.26 27.50
N ALA A 246 16.48 9.28 27.15
CA ALA A 246 15.09 9.55 26.75
C ALA A 246 14.16 8.61 27.55
N HIS A 247 13.25 7.88 26.90
CA HIS A 247 12.60 6.68 27.52
C HIS A 247 11.44 6.98 28.48
N GLN A 248 11.41 8.14 29.13
CA GLN A 248 10.30 8.51 30.03
C GLN A 248 9.67 9.83 29.59
N VAL A 249 8.34 9.86 29.53
CA VAL A 249 7.59 11.05 29.19
C VAL A 249 7.87 12.04 30.30
N VAL A 250 8.27 13.24 29.94
CA VAL A 250 8.48 14.28 30.91
C VAL A 250 7.64 15.45 30.45
N GLU A 251 6.94 16.05 31.42
CA GLU A 251 5.94 17.07 31.17
C GLU A 251 6.42 18.24 30.32
N ASP A 252 7.66 18.69 30.55
CA ASP A 252 8.21 19.83 29.81
C ASP A 252 9.01 19.47 28.56
N GLY A 253 9.17 18.17 28.29
CA GLY A 253 9.95 17.69 27.16
C GLY A 253 11.38 17.37 27.52
N TYR A 254 11.91 18.13 28.49
CA TYR A 254 13.15 17.79 29.17
C TYR A 254 12.91 17.83 30.70
N GLU A 255 13.77 17.13 31.43
CA GLU A 255 13.77 17.14 32.88
C GLU A 255 15.15 16.75 33.38
N PHE A 256 15.72 17.55 34.27
CA PHE A 256 17.03 17.24 34.83
C PHE A 256 16.87 16.28 36.00
N PHE A 257 17.94 15.54 36.28
CA PHE A 257 18.02 14.66 37.45
C PHE A 257 19.41 14.83 38.05
N ALA A 258 19.56 14.60 39.37
CA ALA A 258 20.88 14.65 40.06
C ALA A 258 21.60 15.98 39.85
N LYS A 259 20.89 17.05 40.23
CA LYS A 259 21.19 18.43 39.88
C LYS A 259 21.04 18.57 38.35
N ARG A 260 22.14 18.65 37.62
CA ARG A 260 22.03 18.71 36.18
C ARG A 260 22.96 17.71 35.53
N GLN A 261 23.24 16.64 36.27
CA GLN A 261 24.16 15.62 35.77
C GLN A 261 23.46 14.67 34.82
N LEU A 262 22.14 14.62 34.88
CA LEU A 262 21.40 13.79 33.91
C LEU A 262 20.25 14.62 33.32
N VAL A 263 19.98 14.43 32.04
CA VAL A 263 18.78 15.02 31.44
C VAL A 263 18.01 13.92 30.72
N THR A 264 16.68 14.00 30.83
CA THR A 264 15.75 13.17 30.08
C THR A 264 15.15 14.07 28.99
N LEU A 265 15.17 13.59 27.74
CA LEU A 265 14.54 14.27 26.61
C LEU A 265 13.41 13.40 26.11
N PHE A 266 12.26 13.99 25.85
CA PHE A 266 11.18 13.28 25.26
C PHE A 266 10.62 14.20 24.15
N SER A 267 10.51 13.68 22.94
CA SER A 267 10.17 14.52 21.78
C SER A 267 8.80 14.20 21.12
N ALA A 268 7.90 13.55 21.83
CA ALA A 268 6.56 13.27 21.29
C ALA A 268 5.56 14.03 22.13
N PRO A 269 5.13 15.23 21.69
CA PRO A 269 4.16 16.01 22.49
C PRO A 269 2.81 15.33 22.59
N ASN A 270 2.07 15.68 23.65
CA ASN A 270 0.82 15.02 24.00
C ASN A 270 0.84 13.53 23.69
N TYR A 271 1.78 12.83 24.32
CA TYR A 271 2.18 11.50 23.87
C TYR A 271 1.00 10.52 23.75
N CYS A 272 0.91 9.92 22.55
CA CYS A 272 -0.20 9.08 22.08
C CYS A 272 -1.62 9.52 22.51
N GLY A 273 -1.80 10.83 22.57
CA GLY A 273 -3.06 11.46 22.96
C GLY A 273 -3.53 11.18 24.37
N GLU A 274 -2.64 10.75 25.26
CA GLU A 274 -3.07 10.43 26.63
C GLU A 274 -2.31 11.19 27.70
N PHE A 275 -1.25 11.90 27.30
CA PHE A 275 -0.52 12.81 28.19
C PHE A 275 -0.65 14.22 27.64
N ASP A 276 -0.39 15.23 28.46
CA ASP A 276 -0.36 16.59 27.92
C ASP A 276 1.03 17.27 27.96
N ASN A 277 2.06 16.47 27.72
CA ASN A 277 3.43 16.93 27.74
C ASN A 277 3.82 17.75 26.50
N ALA A 278 4.86 18.55 26.67
CA ALA A 278 5.62 19.08 25.56
C ALA A 278 6.68 18.07 25.08
N GLY A 279 7.19 18.30 23.87
CA GLY A 279 8.42 17.68 23.39
C GLY A 279 9.55 18.69 23.49
N ALA A 280 10.79 18.24 23.52
CA ALA A 280 11.92 19.16 23.56
C ALA A 280 13.07 18.55 22.83
N MET A 281 13.99 19.39 22.36
CA MET A 281 15.30 18.92 21.91
C MET A 281 16.39 19.68 22.63
N MET A 282 17.53 19.04 22.82
CA MET A 282 18.66 19.77 23.37
C MET A 282 19.69 20.14 22.29
N SER A 283 20.04 21.41 22.14
CA SER A 283 21.12 21.80 21.21
C SER A 283 22.40 21.89 21.97
N VAL A 284 23.49 21.41 21.38
CA VAL A 284 24.84 21.57 21.95
C VAL A 284 25.64 22.39 20.90
N ASP A 285 26.17 23.52 21.31
CA ASP A 285 26.95 24.32 20.39
C ASP A 285 28.46 24.03 20.49
N GLU A 286 29.26 24.66 19.63
CA GLU A 286 30.72 24.43 19.57
C GLU A 286 31.47 24.63 20.88
N THR A 287 30.98 25.54 21.73
CA THR A 287 31.62 25.85 23.03
C THR A 287 31.10 24.88 24.11
N LEU A 288 30.23 23.96 23.69
CA LEU A 288 29.54 23.02 24.58
C LEU A 288 28.50 23.66 25.47
N MET A 289 27.93 24.79 25.04
CA MET A 289 26.74 25.33 25.71
CA MET A 289 26.74 25.34 25.68
C MET A 289 25.52 24.50 25.31
N CYS A 290 24.75 24.10 26.32
CA CYS A 290 23.54 23.32 26.11
C CYS A 290 22.31 24.20 26.33
N SER A 291 21.35 24.09 25.39
CA SER A 291 20.10 24.85 25.47
C SER A 291 18.92 23.97 25.09
N PHE A 292 17.71 24.39 25.47
CA PHE A 292 16.50 23.63 25.20
C PHE A 292 15.53 24.37 24.29
N GLN A 293 14.98 23.65 23.31
CA GLN A 293 13.93 24.16 22.46
C GLN A 293 12.72 23.27 22.72
N ILE A 294 11.55 23.88 22.89
CA ILE A 294 10.34 23.13 23.30
C ILE A 294 9.31 23.10 22.16
N LEU A 295 8.68 21.96 21.95
CA LEU A 295 7.55 21.83 21.02
C LEU A 295 6.27 21.60 21.83
N LYS A 296 5.41 22.60 21.88
CA LYS A 296 4.21 22.56 22.73
C LYS A 296 2.97 22.62 21.87
N PRO A 297 2.05 21.66 22.08
CA PRO A 297 0.80 21.68 21.35
C PRO A 297 0.01 22.97 21.62
N ALA A 298 -0.58 23.53 20.57
CA ALA A 298 -1.40 24.73 20.69
C ALA A 298 -2.73 24.42 21.39
N ASP A 299 -3.28 25.41 22.09
CA ASP A 299 -4.56 25.26 22.79
C ASP A 299 -5.68 25.94 22.01
N LEU B 6 -12.69 -4.01 4.87
CA LEU B 6 -12.47 -3.35 3.53
C LEU B 6 -13.20 -2.03 3.48
N ASN B 7 -12.47 -0.93 3.70
CA ASN B 7 -13.12 0.38 3.70
C ASN B 7 -13.31 0.94 2.29
N LEU B 8 -14.40 0.52 1.63
CA LEU B 8 -14.66 0.92 0.26
C LEU B 8 -14.67 2.40 0.00
N ASP B 9 -15.40 3.14 0.81
CA ASP B 9 -15.52 4.59 0.61
C ASP B 9 -14.20 5.32 0.71
N SER B 10 -13.37 4.88 1.65
CA SER B 10 -12.06 5.46 1.86
C SER B 10 -11.17 5.19 0.65
N ILE B 11 -11.25 3.98 0.10
CA ILE B 11 -10.47 3.58 -1.06
C ILE B 11 -10.94 4.39 -2.28
N ILE B 12 -12.25 4.48 -2.51
CA ILE B 12 -12.78 5.23 -3.62
C ILE B 12 -12.35 6.70 -3.47
N GLY B 13 -12.43 7.23 -2.25
CA GLY B 13 -12.07 8.60 -1.93
C GLY B 13 -10.65 8.90 -2.31
N ARG B 14 -9.74 7.98 -1.97
CA ARG B 14 -8.31 8.15 -2.27
C ARG B 14 -8.01 8.06 -3.77
N LEU B 15 -8.74 7.16 -4.46
CA LEU B 15 -8.65 7.05 -5.92
C LEU B 15 -9.11 8.32 -6.65
N LEU B 16 -10.17 8.96 -6.15
CA LEU B 16 -10.74 10.17 -6.80
C LEU B 16 -10.04 11.50 -6.42
N GLU B 17 -9.25 11.45 -5.35
CA GLU B 17 -8.54 12.62 -4.79
C GLU B 17 -7.67 13.31 -5.82
N VAL B 18 -7.17 12.54 -6.80
CA VAL B 18 -6.28 13.05 -7.85
C VAL B 18 -7.04 13.69 -9.03
N GLN B 19 -8.37 13.72 -8.94
CA GLN B 19 -9.18 14.29 -10.02
C GLN B 19 -8.78 15.71 -10.44
N GLY B 20 -8.33 16.55 -9.50
CA GLY B 20 -7.84 17.89 -9.87
C GLY B 20 -6.34 18.01 -10.11
N SER B 21 -5.62 16.89 -10.09
CA SER B 21 -4.16 16.88 -10.15
C SER B 21 -3.60 16.83 -11.58
N ARG B 22 -2.31 17.13 -11.70
CA ARG B 22 -1.59 16.99 -12.97
C ARG B 22 -1.68 15.52 -13.31
N PRO B 23 -2.17 15.22 -14.52
CA PRO B 23 -2.29 13.80 -14.82
C PRO B 23 -0.96 13.08 -14.69
N GLY B 24 -1.01 11.90 -14.12
CA GLY B 24 0.19 11.10 -14.00
C GLY B 24 0.46 10.78 -12.56
N LYS B 25 -0.11 11.58 -11.64
CA LYS B 25 0.07 11.32 -10.20
C LYS B 25 -0.55 9.98 -9.77
N ASN B 26 0.23 9.18 -9.05
CA ASN B 26 -0.17 7.87 -8.57
C ASN B 26 -1.09 7.95 -7.38
N VAL B 27 -1.94 6.95 -7.22
CA VAL B 27 -2.58 6.70 -5.94
C VAL B 27 -2.05 5.34 -5.48
N GLN B 28 -1.34 5.32 -4.37
CA GLN B 28 -0.78 4.10 -3.86
C GLN B 28 -1.64 3.58 -2.71
N LEU B 29 -2.56 2.66 -3.02
CA LEU B 29 -3.38 1.98 -2.01
C LEU B 29 -2.50 0.95 -1.29
N THR B 30 -2.96 0.41 -0.19
CA THR B 30 -2.20 -0.66 0.47
C THR B 30 -2.39 -2.01 -0.25
N GLU B 31 -1.42 -2.90 -0.07
CA GLU B 31 -1.48 -4.22 -0.65
C GLU B 31 -2.75 -4.97 -0.17
N ASN B 32 -3.08 -4.84 1.13
CA ASN B 32 -4.30 -5.46 1.65
C ASN B 32 -5.59 -4.89 1.10
N GLU B 33 -5.65 -3.57 0.86
CA GLU B 33 -6.78 -2.96 0.19
C GLU B 33 -7.03 -3.55 -1.20
N ILE B 34 -5.98 -3.65 -2.00
CA ILE B 34 -6.05 -4.17 -3.34
C ILE B 34 -6.39 -5.66 -3.28
N ARG B 35 -5.78 -6.41 -2.37
CA ARG B 35 -6.13 -7.84 -2.22
C ARG B 35 -7.62 -7.97 -1.84
N GLY B 36 -8.14 -7.09 -0.97
CA GLY B 36 -9.56 -7.11 -0.57
C GLY B 36 -10.48 -6.78 -1.72
N LEU B 37 -10.11 -5.82 -2.54
CA LEU B 37 -10.81 -5.54 -3.81
C LEU B 37 -10.87 -6.77 -4.74
N CYS B 38 -9.76 -7.45 -4.96
CA CYS B 38 -9.73 -8.63 -5.81
C CYS B 38 -10.58 -9.74 -5.22
N LEU B 39 -10.48 -9.99 -3.92
CA LEU B 39 -11.23 -11.10 -3.33
C LEU B 39 -12.76 -10.86 -3.30
N LYS B 40 -13.15 -9.65 -2.90
CA LYS B 40 -14.57 -9.28 -2.84
C LYS B 40 -15.25 -9.22 -4.21
N SER B 41 -14.55 -8.66 -5.18
CA SER B 41 -15.05 -8.61 -6.53
C SER B 41 -15.14 -10.01 -7.15
N ARG B 42 -14.17 -10.90 -6.86
CA ARG B 42 -14.28 -12.30 -7.32
C ARG B 42 -15.60 -12.96 -6.81
N GLU B 43 -15.95 -12.78 -5.54
CA GLU B 43 -17.22 -13.37 -5.00
C GLU B 43 -18.43 -12.85 -5.76
N ILE B 44 -18.44 -11.54 -6.00
CA ILE B 44 -19.49 -10.92 -6.82
C ILE B 44 -19.54 -11.47 -8.25
N PHE B 45 -18.42 -11.48 -8.98
CA PHE B 45 -18.43 -12.02 -10.35
C PHE B 45 -18.98 -13.44 -10.40
N LEU B 46 -18.59 -14.28 -9.43
CA LEU B 46 -19.00 -15.69 -9.41
C LEU B 46 -20.46 -15.88 -9.02
N SER B 47 -21.01 -14.94 -8.24
CA SER B 47 -22.42 -14.95 -7.86
C SER B 47 -23.33 -14.46 -8.99
N GLN B 48 -22.80 -13.71 -9.94
CA GLN B 48 -23.57 -13.27 -11.10
C GLN B 48 -23.26 -14.19 -12.31
N PRO B 49 -24.15 -14.24 -13.33
CA PRO B 49 -23.90 -15.18 -14.44
C PRO B 49 -22.68 -14.77 -15.29
N ILE B 50 -22.10 -15.73 -16.01
CA ILE B 50 -20.98 -15.46 -16.93
C ILE B 50 -21.42 -14.77 -18.22
N LEU B 51 -22.69 -14.97 -18.58
CA LEU B 51 -23.33 -14.19 -19.62
C LEU B 51 -24.35 -13.21 -18.93
N LEU B 52 -23.97 -11.95 -18.76
CA LEU B 52 -24.83 -10.98 -18.09
C LEU B 52 -26.12 -10.67 -18.88
N GLU B 53 -27.23 -10.58 -18.17
CA GLU B 53 -28.49 -10.17 -18.77
C GLU B 53 -28.84 -8.80 -18.21
N LEU B 54 -28.65 -7.78 -19.04
CA LEU B 54 -28.72 -6.44 -18.53
C LEU B 54 -29.87 -5.67 -19.14
N GLU B 55 -30.28 -4.60 -18.46
CA GLU B 55 -31.33 -3.75 -18.91
C GLU B 55 -30.86 -2.30 -18.96
N ALA B 56 -31.33 -1.58 -19.98
CA ALA B 56 -31.16 -0.14 -20.14
C ALA B 56 -31.92 0.59 -19.03
N PRO B 57 -31.51 1.81 -18.66
CA PRO B 57 -30.40 2.60 -19.23
C PRO B 57 -29.02 2.11 -18.77
N LEU B 58 -28.04 2.32 -19.65
CA LEU B 58 -26.70 1.77 -19.50
C LEU B 58 -25.78 2.61 -20.37
N LYS B 59 -24.55 2.83 -19.91
CA LYS B 59 -23.51 3.45 -20.74
C LYS B 59 -22.45 2.39 -20.95
N ILE B 60 -22.07 2.16 -22.22
CA ILE B 60 -21.15 1.08 -22.55
C ILE B 60 -19.80 1.70 -23.01
N CYS B 61 -18.70 1.18 -22.44
CA CYS B 61 -17.38 1.70 -22.66
C CYS B 61 -16.45 0.60 -23.14
N GLY B 62 -15.52 0.98 -24.02
CA GLY B 62 -14.48 0.14 -24.56
C GLY B 62 -13.19 0.17 -23.77
N ASP B 63 -12.08 -0.22 -24.43
CA ASP B 63 -10.78 -0.38 -23.75
C ASP B 63 -10.35 0.87 -22.98
N ILE B 64 -9.64 0.68 -21.86
CA ILE B 64 -9.10 1.80 -21.05
C ILE B 64 -7.57 1.71 -20.98
N HIS B 65 -7.04 0.50 -20.85
CA HIS B 65 -5.60 0.24 -20.92
C HIS B 65 -4.79 1.12 -20.02
N GLY B 66 -5.19 1.17 -18.76
CA GLY B 66 -4.36 1.84 -17.76
C GLY B 66 -4.29 3.35 -17.88
N GLN B 67 -5.06 3.97 -18.78
CA GLN B 67 -5.08 5.44 -18.92
C GLN B 67 -6.02 6.02 -17.86
N TYR B 68 -5.55 5.99 -16.61
CA TYR B 68 -6.34 6.29 -15.43
C TYR B 68 -7.06 7.65 -15.50
N TYR B 69 -6.36 8.69 -15.93
CA TYR B 69 -6.92 10.04 -15.96
C TYR B 69 -7.98 10.28 -17.05
N ASP B 70 -7.91 9.49 -18.13
CA ASP B 70 -8.98 9.45 -19.13
C ASP B 70 -10.22 8.73 -18.57
N LEU B 71 -10.02 7.70 -17.78
CA LEU B 71 -11.12 7.00 -17.08
C LEU B 71 -11.83 7.96 -16.12
N LEU B 72 -11.09 8.78 -15.40
CA LEU B 72 -11.73 9.80 -14.56
C LEU B 72 -12.56 10.83 -15.35
N ARG B 73 -12.05 11.25 -16.50
CA ARG B 73 -12.80 12.19 -17.32
C ARG B 73 -14.05 11.50 -17.87
N LEU B 74 -13.96 10.23 -18.24
CA LEU B 74 -15.11 9.51 -18.72
CA LEU B 74 -15.13 9.48 -18.70
C LEU B 74 -16.26 9.51 -17.68
N PHE B 75 -15.89 9.33 -16.41
CA PHE B 75 -16.85 9.33 -15.30
C PHE B 75 -17.33 10.75 -15.04
N GLU B 76 -16.43 11.73 -15.11
CA GLU B 76 -16.84 13.14 -14.92
C GLU B 76 -17.92 13.55 -15.92
N TYR B 77 -17.72 13.19 -17.20
CA TYR B 77 -18.69 13.55 -18.21
C TYR B 77 -19.91 12.61 -18.35
N GLY B 78 -19.68 11.30 -18.16
CA GLY B 78 -20.77 10.31 -18.24
C GLY B 78 -21.59 10.24 -16.96
N GLY B 79 -21.00 10.68 -15.85
CA GLY B 79 -21.70 10.64 -14.56
C GLY B 79 -20.99 9.61 -13.71
N PHE B 80 -20.54 9.99 -12.53
CA PHE B 80 -19.88 9.03 -11.63
C PHE B 80 -20.96 8.04 -11.14
N PRO B 81 -20.61 6.74 -11.02
CA PRO B 81 -21.51 5.79 -10.32
C PRO B 81 -21.96 6.33 -8.97
N PRO B 82 -23.26 6.15 -8.63
CA PRO B 82 -24.28 5.38 -9.36
C PRO B 82 -25.23 6.27 -10.20
N GLU B 83 -24.81 7.50 -10.49
CA GLU B 83 -25.58 8.44 -11.33
C GLU B 83 -25.88 7.82 -12.71
N SER B 84 -24.90 7.10 -13.26
CA SER B 84 -25.15 6.33 -14.47
C SER B 84 -24.78 4.89 -14.20
N ASN B 85 -25.41 3.99 -14.93
CA ASN B 85 -25.05 2.58 -14.91
C ASN B 85 -24.06 2.33 -16.03
N TYR B 86 -23.07 1.44 -15.79
CA TYR B 86 -21.96 1.21 -16.71
C TYR B 86 -21.75 -0.26 -17.02
N LEU B 87 -21.46 -0.51 -18.29
CA LEU B 87 -20.87 -1.79 -18.75
C LEU B 87 -19.50 -1.49 -19.46
N PHE B 88 -18.40 -2.02 -18.91
CA PHE B 88 -17.10 -1.89 -19.61
C PHE B 88 -16.83 -3.20 -20.32
N LEU B 89 -16.22 -3.12 -21.50
CA LEU B 89 -16.04 -4.29 -22.32
C LEU B 89 -14.66 -4.97 -22.20
N GLY B 90 -13.87 -4.62 -21.20
CA GLY B 90 -12.61 -5.33 -20.99
C GLY B 90 -11.42 -4.44 -21.27
N ASP B 91 -10.24 -5.03 -21.14
CA ASP B 91 -8.92 -4.37 -21.40
C ASP B 91 -8.70 -3.11 -20.53
N TYR B 92 -8.68 -3.35 -19.21
CA TYR B 92 -8.52 -2.33 -18.18
C TYR B 92 -7.06 -2.02 -17.91
N VAL B 93 -6.23 -3.06 -18.09
CA VAL B 93 -4.81 -3.01 -17.76
C VAL B 93 -3.90 -3.16 -18.99
N ASP B 94 -2.59 -2.96 -18.74
CA ASP B 94 -1.50 -3.02 -19.76
C ASP B 94 -1.42 -1.74 -20.59
N ARG B 95 -0.25 -1.49 -21.18
CA ARG B 95 0.04 -0.36 -22.09
C ARG B 95 0.19 0.91 -21.29
N GLY B 96 -0.86 1.26 -20.53
CA GLY B 96 -0.87 2.49 -19.74
C GLY B 96 0.07 2.44 -18.54
N LYS B 97 0.41 3.60 -17.97
CA LYS B 97 1.26 3.65 -16.77
C LYS B 97 0.49 3.47 -15.46
N GLN B 98 -0.84 3.50 -15.51
CA GLN B 98 -1.65 3.43 -14.29
C GLN B 98 -2.76 2.40 -14.35
N SER B 99 -2.38 1.20 -14.80
CA SER B 99 -3.22 0.04 -14.76
C SER B 99 -3.76 -0.22 -13.35
N LEU B 100 -2.91 -0.09 -12.33
CA LEU B 100 -3.37 -0.35 -10.94
C LEU B 100 -4.50 0.53 -10.45
N GLU B 101 -4.36 1.84 -10.57
CA GLU B 101 -5.45 2.74 -10.24
C GLU B 101 -6.71 2.47 -11.06
N THR B 102 -6.54 2.27 -12.38
CA THR B 102 -7.68 1.93 -13.28
C THR B 102 -8.46 0.71 -12.76
N ILE B 103 -7.81 -0.45 -12.69
CA ILE B 103 -8.54 -1.64 -12.25
C ILE B 103 -9.10 -1.48 -10.83
N CYS B 104 -8.33 -0.88 -9.93
CA CYS B 104 -8.78 -0.68 -8.56
C CYS B 104 -10.04 0.16 -8.47
N LEU B 105 -10.11 1.26 -9.21
CA LEU B 105 -11.32 2.06 -9.18
C LEU B 105 -12.51 1.24 -9.75
N LEU B 106 -12.27 0.46 -10.81
CA LEU B 106 -13.34 -0.30 -11.46
C LEU B 106 -13.83 -1.45 -10.55
N LEU B 107 -12.90 -2.13 -9.86
CA LEU B 107 -13.32 -3.13 -8.87
C LEU B 107 -14.06 -2.54 -7.67
N ALA B 108 -13.64 -1.37 -7.20
CA ALA B 108 -14.30 -0.68 -6.11
C ALA B 108 -15.76 -0.37 -6.46
N TYR B 109 -15.96 0.20 -7.63
CA TYR B 109 -17.32 0.45 -8.13
C TYR B 109 -18.15 -0.81 -8.36
N LYS B 110 -17.52 -1.89 -8.84
CA LYS B 110 -18.21 -3.18 -8.94
C LYS B 110 -18.71 -3.62 -7.57
N ILE B 111 -17.87 -3.52 -6.54
CA ILE B 111 -18.23 -4.02 -5.24
C ILE B 111 -19.29 -3.05 -4.64
N LYS B 112 -19.09 -1.76 -4.88
CA LYS B 112 -19.99 -0.77 -4.27
C LYS B 112 -21.41 -0.78 -4.89
N TYR B 113 -21.49 -1.01 -6.22
CA TYR B 113 -22.76 -0.96 -6.95
C TYR B 113 -22.90 -2.22 -7.85
N PRO B 114 -23.01 -3.42 -7.25
CA PRO B 114 -22.86 -4.63 -8.05
C PRO B 114 -24.00 -4.87 -9.04
N GLU B 115 -25.16 -4.21 -8.85
CA GLU B 115 -26.29 -4.30 -9.83
C GLU B 115 -26.42 -3.11 -10.79
N ASN B 116 -25.50 -2.17 -10.68
CA ASN B 116 -25.48 -0.99 -11.53
C ASN B 116 -24.16 -0.75 -12.24
N PHE B 117 -23.21 -1.69 -12.14
CA PHE B 117 -21.85 -1.50 -12.65
C PHE B 117 -21.29 -2.87 -13.05
N PHE B 118 -20.79 -3.02 -14.28
CA PHE B 118 -20.45 -4.33 -14.83
C PHE B 118 -19.19 -4.25 -15.66
N LEU B 119 -18.37 -5.29 -15.53
CA LEU B 119 -17.05 -5.39 -16.17
C LEU B 119 -17.00 -6.72 -16.92
N LEU B 120 -16.82 -6.70 -18.22
CA LEU B 120 -16.50 -7.94 -19.00
C LEU B 120 -15.00 -8.18 -19.03
N ARG B 121 -14.62 -9.41 -19.34
CA ARG B 121 -13.23 -9.80 -19.53
C ARG B 121 -12.75 -9.42 -20.94
N GLY B 122 -11.60 -8.74 -21.01
CA GLY B 122 -10.91 -8.47 -22.27
C GLY B 122 -9.75 -9.45 -22.46
N ASN B 123 -9.17 -9.46 -23.65
CA ASN B 123 -8.02 -10.32 -23.85
C ASN B 123 -6.81 -10.01 -22.97
N HIS B 124 -6.70 -8.77 -22.46
CA HIS B 124 -5.63 -8.42 -21.51
C HIS B 124 -5.87 -8.82 -20.05
N GLU B 125 -7.09 -9.26 -19.73
CA GLU B 125 -7.35 -9.85 -18.41
C GLU B 125 -7.00 -11.33 -18.41
N CYS B 126 -5.76 -11.62 -18.77
CA CYS B 126 -5.28 -12.96 -18.98
C CYS B 126 -3.81 -12.92 -18.64
N ALA B 127 -3.37 -13.84 -17.78
CA ALA B 127 -2.00 -13.77 -17.26
C ALA B 127 -0.96 -13.82 -18.38
N SER B 128 -1.18 -14.62 -19.42
CA SER B 128 -0.11 -14.72 -20.41
C SER B 128 0.03 -13.47 -21.27
N ILE B 129 -1.02 -12.64 -21.27
CA ILE B 129 -0.96 -11.36 -21.95
C ILE B 129 -0.43 -10.26 -21.05
N ASN B 130 -1.09 -10.04 -19.90
CA ASN B 130 -0.69 -8.96 -19.04
C ASN B 130 0.66 -9.17 -18.29
N ARG B 131 1.19 -10.41 -18.33
CA ARG B 131 2.55 -10.67 -17.91
C ARG B 131 3.51 -9.86 -18.78
N ILE B 132 3.20 -9.73 -20.07
CA ILE B 132 4.16 -9.18 -21.03
C ILE B 132 3.92 -7.75 -21.50
N TYR B 133 2.68 -7.27 -21.36
CA TYR B 133 2.31 -5.92 -21.85
C TYR B 133 2.23 -4.82 -20.82
N GLY B 134 2.76 -5.06 -19.64
CA GLY B 134 2.93 -3.96 -18.69
C GLY B 134 2.42 -4.21 -17.29
N PHE B 135 1.36 -5.00 -17.16
CA PHE B 135 0.73 -5.09 -15.85
C PHE B 135 1.56 -5.78 -14.76
N TYR B 136 2.24 -6.90 -15.10
CA TYR B 136 3.11 -7.58 -14.16
C TYR B 136 4.20 -6.62 -13.72
N ASP B 137 4.79 -5.90 -14.66
CA ASP B 137 5.86 -4.97 -14.35
C ASP B 137 5.41 -3.91 -13.36
N GLU B 138 4.22 -3.35 -13.59
CA GLU B 138 3.66 -2.38 -12.69
C GLU B 138 3.44 -2.98 -11.27
N CYS B 139 2.87 -4.16 -11.20
CA CYS B 139 2.70 -4.85 -9.91
C CYS B 139 4.01 -5.11 -9.21
N LYS B 140 5.00 -5.55 -9.98
CA LYS B 140 6.30 -5.90 -9.43
C LYS B 140 7.02 -4.68 -8.89
N ARG B 141 6.92 -3.56 -9.62
CA ARG B 141 7.53 -2.31 -9.20
C ARG B 141 6.85 -1.71 -7.95
N ARG B 142 5.54 -1.65 -7.98
CA ARG B 142 4.76 -0.92 -7.00
C ARG B 142 4.31 -1.74 -5.82
N TYR B 143 4.21 -3.05 -5.99
CA TYR B 143 3.78 -3.98 -4.93
C TYR B 143 4.72 -5.18 -4.90
N ASN B 144 4.26 -6.34 -5.32
CA ASN B 144 5.11 -7.51 -5.43
C ASN B 144 4.43 -8.44 -6.43
N ILE B 145 5.11 -9.50 -6.83
CA ILE B 145 4.56 -10.33 -7.88
C ILE B 145 3.41 -11.20 -7.35
N LYS B 146 3.33 -11.43 -6.03
CA LYS B 146 2.16 -12.13 -5.47
C LYS B 146 0.84 -11.39 -5.69
N LEU B 147 0.89 -10.05 -5.62
CA LEU B 147 -0.26 -9.22 -5.95
C LEU B 147 -0.75 -9.50 -7.39
N TRP B 148 0.20 -9.67 -8.31
CA TRP B 148 -0.14 -9.95 -9.69
C TRP B 148 -0.87 -11.30 -9.85
N LYS B 149 -0.49 -12.31 -9.08
CA LYS B 149 -1.22 -13.58 -9.08
C LYS B 149 -2.64 -13.46 -8.50
N THR B 150 -2.80 -12.54 -7.55
CA THR B 150 -4.11 -12.29 -6.93
C THR B 150 -5.03 -11.68 -7.98
N PHE B 151 -4.50 -10.73 -8.77
CA PHE B 151 -5.27 -10.17 -9.88
C PHE B 151 -5.67 -11.26 -10.87
N THR B 152 -4.74 -12.15 -11.19
CA THR B 152 -5.06 -13.25 -12.07
C THR B 152 -6.24 -14.07 -11.56
N ASP B 153 -6.24 -14.45 -10.28
CA ASP B 153 -7.39 -15.14 -9.69
C ASP B 153 -8.72 -14.44 -9.90
N CYS B 154 -8.73 -13.11 -9.69
CA CYS B 154 -9.89 -12.25 -9.90
C CYS B 154 -10.30 -12.23 -11.38
N PHE B 155 -9.34 -11.93 -12.26
CA PHE B 155 -9.65 -11.81 -13.70
C PHE B 155 -10.21 -13.11 -14.28
N ASN B 156 -9.78 -14.24 -13.73
CA ASN B 156 -10.16 -15.55 -14.22
C ASN B 156 -11.64 -15.81 -13.95
N CYS B 157 -12.28 -14.92 -13.18
CA CYS B 157 -13.70 -14.99 -12.80
C CYS B 157 -14.59 -13.94 -13.48
N LEU B 158 -14.02 -13.07 -14.30
CA LEU B 158 -14.83 -12.04 -14.99
C LEU B 158 -15.84 -12.70 -15.94
N PRO B 159 -17.04 -12.10 -16.06
CA PRO B 159 -17.99 -12.61 -17.06
C PRO B 159 -17.47 -12.30 -18.44
N ILE B 160 -17.92 -13.03 -19.45
CA ILE B 160 -17.35 -12.86 -20.77
C ILE B 160 -18.25 -12.24 -21.83
N ALA B 161 -19.54 -12.07 -21.56
CA ALA B 161 -20.44 -11.45 -22.53
C ALA B 161 -21.65 -10.86 -21.80
N ALA B 162 -22.40 -9.95 -22.44
CA ALA B 162 -23.64 -9.46 -21.89
C ALA B 162 -24.66 -9.30 -22.99
N ILE B 163 -25.94 -9.50 -22.67
CA ILE B 163 -27.03 -9.13 -23.60
C ILE B 163 -27.84 -8.03 -22.96
N VAL B 164 -27.98 -6.90 -23.64
CA VAL B 164 -28.72 -5.79 -23.07
C VAL B 164 -30.14 -5.84 -23.67
N ASP B 165 -31.13 -5.94 -22.79
CA ASP B 165 -32.58 -5.99 -23.15
C ASP B 165 -32.88 -6.96 -24.27
N GLU B 166 -32.19 -8.09 -24.27
CA GLU B 166 -32.39 -9.17 -25.26
C GLU B 166 -32.14 -8.74 -26.71
N LYS B 167 -31.39 -7.66 -26.90
CA LYS B 167 -31.20 -7.09 -28.24
C LYS B 167 -29.77 -6.67 -28.60
N ILE B 168 -28.92 -6.35 -27.60
CA ILE B 168 -27.54 -5.96 -27.90
C ILE B 168 -26.63 -7.01 -27.30
N PHE B 169 -25.86 -7.71 -28.14
CA PHE B 169 -24.90 -8.73 -27.65
C PHE B 169 -23.56 -8.02 -27.48
N CYS B 170 -22.98 -8.03 -26.27
CA CYS B 170 -21.74 -7.32 -25.98
C CYS B 170 -20.66 -8.30 -25.57
N CYS B 171 -19.48 -8.13 -26.14
CA CYS B 171 -18.31 -8.92 -25.77
C CYS B 171 -17.08 -8.10 -26.19
N HIS B 172 -15.91 -8.49 -25.70
CA HIS B 172 -14.73 -7.67 -25.96
C HIS B 172 -14.27 -7.72 -27.39
N GLY B 173 -14.03 -8.93 -27.88
CA GLY B 173 -13.49 -9.18 -29.19
C GLY B 173 -14.60 -9.31 -30.23
N GLY B 174 -15.19 -10.51 -30.36
CA GLY B 174 -16.28 -10.69 -31.30
C GLY B 174 -16.89 -12.07 -31.36
N LEU B 175 -17.29 -12.46 -32.56
CA LEU B 175 -17.99 -13.70 -32.75
C LEU B 175 -17.04 -14.90 -32.87
N SER B 176 -17.61 -16.10 -32.84
CA SER B 176 -16.82 -17.32 -32.90
C SER B 176 -17.51 -18.22 -33.89
N PRO B 177 -16.73 -18.92 -34.75
CA PRO B 177 -17.38 -19.87 -35.65
C PRO B 177 -18.05 -21.04 -34.88
N ASP B 178 -17.65 -21.24 -33.63
CA ASP B 178 -18.21 -22.31 -32.84
C ASP B 178 -19.49 -21.91 -32.07
N LEU B 179 -19.83 -20.62 -32.05
CA LEU B 179 -20.98 -20.13 -31.29
C LEU B 179 -22.30 -20.33 -32.01
N GLN B 180 -23.07 -21.29 -31.56
CA GLN B 180 -24.38 -21.65 -32.08
C GLN B 180 -25.52 -21.37 -31.10
N SER B 181 -25.24 -21.48 -29.81
CA SER B 181 -26.22 -21.35 -28.73
C SER B 181 -25.58 -20.55 -27.57
N MET B 182 -26.31 -19.60 -26.98
CA MET B 182 -25.79 -18.89 -25.82
C MET B 182 -25.54 -19.84 -24.65
N GLU B 183 -26.12 -21.04 -24.71
CA GLU B 183 -25.79 -22.04 -23.71
C GLU B 183 -24.29 -22.41 -23.75
N GLN B 184 -23.65 -22.31 -24.91
CA GLN B 184 -22.20 -22.57 -24.95
C GLN B 184 -21.38 -21.54 -24.13
N ILE B 185 -21.89 -20.34 -23.96
CA ILE B 185 -21.24 -19.35 -23.10
C ILE B 185 -21.62 -19.64 -21.65
N ARG B 186 -22.92 -19.83 -21.38
CA ARG B 186 -23.42 -20.05 -20.02
C ARG B 186 -22.85 -21.25 -19.28
N ARG B 187 -22.44 -22.27 -20.04
CA ARG B 187 -21.88 -23.47 -19.42
C ARG B 187 -20.39 -23.35 -19.12
N ILE B 188 -19.72 -22.30 -19.60
CA ILE B 188 -18.31 -22.12 -19.25
C ILE B 188 -18.11 -21.94 -17.71
N MET B 189 -17.28 -22.81 -17.13
CA MET B 189 -17.02 -22.78 -15.69
C MET B 189 -15.87 -21.83 -15.29
N ARG B 190 -16.07 -21.11 -14.18
CA ARG B 190 -15.04 -20.19 -13.64
C ARG B 190 -14.57 -20.65 -12.25
N PRO B 191 -13.31 -20.36 -11.89
CA PRO B 191 -12.31 -19.59 -12.67
C PRO B 191 -11.79 -20.36 -13.87
N THR B 192 -11.45 -19.61 -14.91
CA THR B 192 -10.85 -20.22 -16.09
C THR B 192 -9.77 -19.30 -16.67
N ASP B 193 -8.72 -19.88 -17.26
CA ASP B 193 -7.77 -19.11 -18.07
C ASP B 193 -8.39 -18.90 -19.46
N VAL B 194 -7.81 -18.04 -20.28
CA VAL B 194 -8.22 -17.92 -21.68
C VAL B 194 -7.39 -18.86 -22.54
N PRO B 195 -8.06 -19.77 -23.27
CA PRO B 195 -7.26 -20.72 -24.06
C PRO B 195 -6.75 -20.07 -25.36
N ASP B 196 -5.84 -20.75 -26.04
CA ASP B 196 -5.26 -20.32 -27.32
C ASP B 196 -6.23 -20.43 -28.49
N GLN B 197 -7.36 -21.12 -28.31
CA GLN B 197 -8.30 -21.33 -29.41
C GLN B 197 -9.60 -21.73 -28.79
N GLY B 198 -10.64 -21.67 -29.59
CA GLY B 198 -11.96 -22.02 -29.08
C GLY B 198 -12.85 -20.82 -28.82
N LEU B 199 -14.09 -21.12 -28.40
CA LEU B 199 -15.11 -20.12 -28.17
C LEU B 199 -14.63 -18.94 -27.29
N LEU B 200 -14.11 -19.27 -26.10
CA LEU B 200 -13.74 -18.21 -25.12
C LEU B 200 -12.64 -17.30 -25.67
N CYS B 201 -11.64 -17.90 -26.32
CA CYS B 201 -10.60 -17.16 -27.03
C CYS B 201 -11.24 -16.19 -28.04
N ASP B 202 -12.11 -16.72 -28.90
CA ASP B 202 -12.77 -15.93 -29.99
C ASP B 202 -13.50 -14.71 -29.47
N LEU B 203 -14.27 -14.93 -28.42
CA LEU B 203 -15.06 -13.85 -27.83
C LEU B 203 -14.20 -12.70 -27.36
N LEU B 204 -12.95 -13.00 -26.98
CA LEU B 204 -12.06 -12.01 -26.43
C LEU B 204 -11.07 -11.45 -27.49
N TRP B 205 -10.93 -12.16 -28.62
CA TRP B 205 -9.89 -11.88 -29.60
C TRP B 205 -10.31 -11.62 -31.04
N SER B 206 -11.49 -12.07 -31.46
CA SER B 206 -11.81 -11.99 -32.89
C SER B 206 -12.03 -10.52 -33.34
N ASP B 207 -11.96 -10.27 -34.65
CA ASP B 207 -12.22 -8.94 -35.20
C ASP B 207 -13.11 -9.02 -36.44
N PRO B 208 -13.95 -8.01 -36.67
CA PRO B 208 -14.73 -7.94 -37.90
C PRO B 208 -13.80 -7.44 -39.01
N ASP B 209 -14.05 -7.86 -40.24
CA ASP B 209 -13.23 -7.45 -41.37
C ASP B 209 -14.10 -7.25 -42.61
N LYS B 210 -13.99 -6.08 -43.23
CA LYS B 210 -14.78 -5.74 -44.42
C LYS B 210 -14.41 -6.56 -45.67
N ASP B 211 -13.21 -7.11 -45.67
CA ASP B 211 -12.70 -7.80 -46.86
C ASP B 211 -12.97 -9.29 -46.88
N VAL B 212 -13.39 -9.86 -45.75
CA VAL B 212 -13.63 -11.30 -45.62
C VAL B 212 -15.09 -11.73 -45.86
N GLN B 213 -15.26 -12.82 -46.59
CA GLN B 213 -16.55 -13.48 -46.74
C GLN B 213 -16.44 -14.71 -45.84
N GLY B 214 -17.13 -14.64 -44.70
CA GLY B 214 -17.15 -15.73 -43.74
C GLY B 214 -16.17 -15.49 -42.60
N TRP B 215 -15.41 -16.55 -42.30
CA TRP B 215 -14.34 -16.52 -41.32
C TRP B 215 -12.99 -16.44 -42.02
N GLY B 216 -12.07 -15.64 -41.51
CA GLY B 216 -10.73 -15.58 -42.09
C GLY B 216 -9.69 -15.70 -40.99
N GLU B 217 -8.41 -15.73 -41.37
CA GLU B 217 -7.32 -15.80 -40.41
C GLU B 217 -7.11 -14.40 -39.85
N ASN B 218 -6.77 -14.32 -38.57
CA ASN B 218 -6.57 -13.06 -37.90
C ASN B 218 -5.07 -12.73 -37.83
N ASP B 219 -4.69 -11.55 -38.34
CA ASP B 219 -3.30 -11.04 -38.31
C ASP B 219 -2.67 -11.02 -36.91
N ARG B 220 -3.51 -11.07 -35.88
CA ARG B 220 -2.99 -11.18 -34.49
C ARG B 220 -2.29 -12.52 -34.21
N GLY B 221 -2.40 -13.48 -35.12
CA GLY B 221 -1.85 -14.83 -34.90
C GLY B 221 -2.70 -15.69 -33.95
N VAL B 222 -3.91 -15.23 -33.66
CA VAL B 222 -4.85 -15.98 -32.82
C VAL B 222 -6.28 -15.69 -33.25
N SER B 223 -7.18 -16.67 -33.12
CA SER B 223 -8.61 -16.46 -33.40
C SER B 223 -8.86 -16.14 -34.90
N PHE B 224 -9.92 -15.35 -35.18
CA PHE B 224 -10.44 -15.19 -36.56
C PHE B 224 -10.88 -13.76 -36.83
N THR B 225 -11.13 -13.48 -38.10
CA THR B 225 -11.92 -12.35 -38.56
C THR B 225 -13.23 -12.89 -39.10
N PHE B 226 -14.25 -12.04 -39.06
CA PHE B 226 -15.55 -12.42 -39.55
C PHE B 226 -16.09 -11.27 -40.39
N GLY B 227 -16.85 -11.61 -41.43
CA GLY B 227 -17.43 -10.64 -42.34
C GLY B 227 -18.81 -10.19 -41.96
N ALA B 228 -19.41 -9.36 -42.80
CA ALA B 228 -20.70 -8.72 -42.51
C ALA B 228 -21.85 -9.71 -42.60
N GLU B 229 -21.75 -10.71 -43.47
CA GLU B 229 -22.75 -11.76 -43.49
C GLU B 229 -22.77 -12.65 -42.23
N VAL B 230 -21.62 -12.89 -41.64
CA VAL B 230 -21.57 -13.56 -40.34
C VAL B 230 -22.38 -12.80 -39.29
N VAL B 231 -22.15 -11.47 -39.21
CA VAL B 231 -22.90 -10.62 -38.32
C VAL B 231 -24.42 -10.72 -38.60
N ALA B 232 -24.84 -10.61 -39.87
CA ALA B 232 -26.28 -10.69 -40.19
C ALA B 232 -26.90 -12.01 -39.76
N LYS B 233 -26.23 -13.10 -40.10
CA LYS B 233 -26.71 -14.45 -39.77
C LYS B 233 -26.86 -14.62 -38.25
N PHE B 234 -25.80 -14.31 -37.51
CA PHE B 234 -25.80 -14.35 -36.07
C PHE B 234 -26.95 -13.56 -35.50
N LEU B 235 -27.08 -12.29 -35.91
CA LEU B 235 -28.18 -11.46 -35.41
C LEU B 235 -29.56 -12.02 -35.68
N HIS B 236 -29.81 -12.47 -36.92
CA HIS B 236 -31.10 -13.05 -37.28
C HIS B 236 -31.41 -14.30 -36.43
N LYS B 237 -30.41 -15.17 -36.30
CA LYS B 237 -30.55 -16.42 -35.57
C LYS B 237 -30.98 -16.22 -34.11
N HIS B 238 -30.37 -15.24 -33.43
CA HIS B 238 -30.61 -15.06 -31.98
C HIS B 238 -31.58 -13.92 -31.68
N ASP B 239 -32.25 -13.44 -32.72
CA ASP B 239 -33.22 -12.34 -32.61
C ASP B 239 -32.58 -11.14 -31.91
N LEU B 240 -31.35 -10.83 -32.26
CA LEU B 240 -30.65 -9.68 -31.72
C LEU B 240 -30.64 -8.52 -32.72
N ASP B 241 -30.35 -7.30 -32.27
CA ASP B 241 -30.33 -6.10 -33.13
C ASP B 241 -28.93 -5.60 -33.42
N LEU B 242 -27.99 -5.81 -32.51
CA LEU B 242 -26.69 -5.14 -32.55
C LEU B 242 -25.62 -5.98 -31.82
N ILE B 243 -24.41 -5.99 -32.37
CA ILE B 243 -23.26 -6.46 -31.62
C ILE B 243 -22.49 -5.23 -31.17
N CYS B 244 -22.17 -5.16 -29.88
CA CYS B 244 -21.31 -4.13 -29.31
C CYS B 244 -20.02 -4.76 -28.81
N ARG B 245 -18.88 -4.31 -29.35
CA ARG B 245 -17.58 -4.89 -29.04
C ARG B 245 -16.49 -3.77 -28.99
N ALA B 246 -15.27 -4.12 -28.63
CA ALA B 246 -14.20 -3.15 -28.40
C ALA B 246 -12.96 -3.62 -29.13
N HIS B 247 -11.79 -3.63 -28.47
CA HIS B 247 -10.66 -4.45 -28.94
C HIS B 247 -9.82 -3.78 -30.03
N GLN B 248 -10.41 -2.89 -30.82
CA GLN B 248 -9.65 -2.20 -31.87
C GLN B 248 -9.73 -0.72 -31.71
N VAL B 249 -8.59 -0.03 -31.79
CA VAL B 249 -8.59 1.45 -31.78
C VAL B 249 -9.36 1.91 -33.00
N VAL B 250 -10.26 2.89 -32.81
CA VAL B 250 -11.00 3.44 -33.96
C VAL B 250 -10.97 4.96 -33.81
N GLU B 251 -10.75 5.69 -34.90
CA GLU B 251 -10.43 7.12 -34.83
C GLU B 251 -11.44 7.94 -34.02
N ASP B 252 -12.72 7.70 -34.24
CA ASP B 252 -13.77 8.55 -33.66
C ASP B 252 -14.16 8.08 -32.23
N GLY B 253 -13.61 6.96 -31.80
CA GLY B 253 -14.01 6.36 -30.54
C GLY B 253 -15.09 5.30 -30.69
N TYR B 254 -15.88 5.40 -31.75
CA TYR B 254 -16.88 4.39 -32.07
C TYR B 254 -16.75 4.24 -33.58
N GLU B 255 -17.19 3.09 -34.11
CA GLU B 255 -17.17 2.91 -35.56
C GLU B 255 -18.13 1.76 -35.90
N PHE B 256 -19.04 1.99 -36.84
CA PHE B 256 -20.01 0.98 -37.24
C PHE B 256 -19.40 0.00 -38.24
N PHE B 257 -19.98 -1.21 -38.32
CA PHE B 257 -19.58 -2.25 -39.27
C PHE B 257 -20.87 -2.98 -39.72
N ALA B 258 -20.90 -3.51 -40.94
CA ALA B 258 -22.05 -4.22 -41.48
C ALA B 258 -23.28 -3.33 -41.38
N LYS B 259 -23.19 -2.13 -41.98
CA LYS B 259 -24.23 -1.10 -41.86
C LYS B 259 -24.15 -0.58 -40.44
N ARG B 260 -25.17 -0.80 -39.60
CA ARG B 260 -25.07 -0.46 -38.19
C ARG B 260 -25.35 -1.69 -37.31
N GLN B 261 -25.07 -2.87 -37.85
CA GLN B 261 -25.32 -4.11 -37.13
C GLN B 261 -24.25 -4.44 -36.11
N LEU B 262 -23.06 -3.86 -36.28
CA LEU B 262 -21.96 -3.98 -35.30
C LEU B 262 -21.36 -2.62 -35.00
N VAL B 263 -21.01 -2.39 -33.73
CA VAL B 263 -20.27 -1.19 -33.36
C VAL B 263 -19.06 -1.57 -32.56
N THR B 264 -17.94 -0.96 -32.92
CA THR B 264 -16.74 -1.05 -32.07
C THR B 264 -16.66 0.21 -31.22
N LEU B 265 -16.41 0.01 -29.94
CA LEU B 265 -16.17 1.11 -29.01
C LEU B 265 -14.75 1.08 -28.46
N PHE B 266 -14.12 2.24 -28.34
CA PHE B 266 -12.76 2.28 -27.80
C PHE B 266 -12.68 3.53 -26.90
N SER B 267 -12.29 3.39 -25.64
CA SER B 267 -12.44 4.46 -24.64
C SER B 267 -11.12 4.99 -24.07
N ALA B 268 -10.02 4.62 -24.70
CA ALA B 268 -8.73 5.23 -24.40
C ALA B 268 -8.31 6.23 -25.47
N PRO B 269 -8.52 7.54 -25.23
CA PRO B 269 -8.13 8.57 -26.19
C PRO B 269 -6.60 8.61 -26.43
N ASN B 270 -6.15 9.04 -27.61
CA ASN B 270 -4.70 9.10 -27.93
C ASN B 270 -3.97 7.86 -27.39
N TYR B 271 -4.56 6.73 -27.75
CA TYR B 271 -4.17 5.44 -27.21
C TYR B 271 -2.67 5.26 -27.05
N CYS B 272 -2.25 5.06 -25.81
CA CYS B 272 -0.83 4.95 -25.38
C CYS B 272 0.15 5.90 -26.07
N GLY B 273 -0.39 7.09 -26.38
CA GLY B 273 0.38 8.17 -27.01
C GLY B 273 0.85 7.88 -28.41
N GLU B 274 0.31 6.84 -29.04
CA GLU B 274 0.71 6.48 -30.41
C GLU B 274 -0.34 6.79 -31.50
N PHE B 275 -1.54 7.19 -31.12
CA PHE B 275 -2.64 7.42 -32.03
C PHE B 275 -3.25 8.75 -31.64
N ASP B 276 -4.04 9.34 -32.52
CA ASP B 276 -4.76 10.60 -32.20
C ASP B 276 -6.29 10.38 -32.16
N ASN B 277 -6.70 9.19 -31.72
CA ASN B 277 -8.12 8.81 -31.62
C ASN B 277 -8.83 9.46 -30.45
N ALA B 278 -10.15 9.61 -30.58
CA ALA B 278 -10.98 9.99 -29.45
C ALA B 278 -11.40 8.71 -28.78
N GLY B 279 -11.89 8.83 -27.54
CA GLY B 279 -12.60 7.75 -26.91
C GLY B 279 -14.09 8.05 -27.03
N ALA B 280 -14.89 7.02 -26.88
CA ALA B 280 -16.34 7.15 -26.89
C ALA B 280 -17.02 6.20 -25.92
N MET B 281 -18.23 6.57 -25.53
CA MET B 281 -19.10 5.58 -24.90
C MET B 281 -20.48 5.61 -25.57
N MET B 282 -21.16 4.48 -25.56
CA MET B 282 -22.50 4.41 -26.12
C MET B 282 -23.52 4.36 -24.98
N SER B 283 -24.48 5.29 -25.00
CA SER B 283 -25.58 5.28 -24.02
C SER B 283 -26.77 4.58 -24.60
N VAL B 284 -27.43 3.74 -23.81
CA VAL B 284 -28.66 3.10 -24.26
C VAL B 284 -29.74 3.53 -23.29
N ASP B 285 -30.77 4.21 -23.80
CA ASP B 285 -31.85 4.65 -22.93
C ASP B 285 -33.00 3.62 -22.83
N GLU B 286 -33.98 3.85 -21.96
CA GLU B 286 -35.09 2.91 -21.67
C GLU B 286 -35.89 2.55 -22.92
N THR B 287 -35.88 3.42 -23.92
CA THR B 287 -36.59 3.13 -25.17
C THR B 287 -35.70 2.41 -26.18
N LEU B 288 -34.52 1.97 -25.70
CA LEU B 288 -33.48 1.37 -26.56
C LEU B 288 -32.88 2.30 -27.64
N MET B 289 -32.96 3.60 -27.38
CA MET B 289 -32.26 4.57 -28.22
CA MET B 289 -32.26 4.58 -28.18
C MET B 289 -30.79 4.58 -27.80
N CYS B 290 -29.94 4.42 -28.81
CA CYS B 290 -28.51 4.41 -28.68
C CYS B 290 -27.91 5.71 -29.17
N SER B 291 -26.98 6.25 -28.38
CA SER B 291 -26.29 7.46 -28.77
C SER B 291 -24.84 7.43 -28.31
N PHE B 292 -24.02 8.35 -28.83
CA PHE B 292 -22.58 8.36 -28.56
C PHE B 292 -22.10 9.61 -27.89
N GLN B 293 -21.21 9.43 -26.92
CA GLN B 293 -20.61 10.57 -26.23
C GLN B 293 -19.14 10.43 -26.52
N ILE B 294 -18.50 11.52 -26.88
CA ILE B 294 -17.10 11.44 -27.29
C ILE B 294 -16.21 12.10 -26.24
N LEU B 295 -15.01 11.54 -26.06
CA LEU B 295 -13.98 12.10 -25.19
C LEU B 295 -12.77 12.44 -26.08
N LYS B 296 -12.60 13.71 -26.42
CA LYS B 296 -11.54 14.12 -27.36
C LYS B 296 -10.49 15.01 -26.66
N PRO B 297 -9.20 14.60 -26.72
CA PRO B 297 -8.08 15.38 -26.21
C PRO B 297 -8.09 16.83 -26.71
N ALA B 298 -7.92 17.79 -25.80
CA ALA B 298 -7.89 19.22 -26.13
C ALA B 298 -6.67 19.47 -27.01
N ASP B 299 -6.68 20.51 -27.84
CA ASP B 299 -5.56 20.71 -28.74
C ASP B 299 -4.01 20.95 -28.35
N PRO C 11 -9.18 22.43 3.03
CA PRO C 11 -8.62 23.78 2.93
C PRO C 11 -7.72 24.12 4.12
N TYR C 12 -6.84 23.18 4.51
CA TYR C 12 -6.02 23.30 5.73
C TYR C 12 -4.83 24.26 5.64
N GLU C 13 -4.76 25.19 6.60
CA GLU C 13 -3.71 26.22 6.67
C GLU C 13 -2.85 26.04 7.93
N PRO C 14 -1.68 25.36 7.79
CA PRO C 14 -0.81 25.14 8.96
C PRO C 14 -0.27 26.47 9.48
N GLU C 15 0.01 26.54 10.78
CA GLU C 15 0.58 27.76 11.33
C GLU C 15 1.61 27.56 12.42
N SER C 16 2.66 28.36 12.31
CA SER C 16 3.86 28.23 13.13
C SER C 16 4.09 29.49 13.94
N GLY C 17 4.64 29.30 15.14
CA GLY C 17 4.96 30.42 16.01
C GLY C 17 5.92 30.03 17.11
N CYS C 18 6.55 31.06 17.68
CA CYS C 18 7.54 30.93 18.75
C CYS C 18 7.18 31.86 19.91
N VAL C 19 7.32 31.35 21.13
CA VAL C 19 7.14 32.14 22.35
C VAL C 19 8.36 31.86 23.21
N GLU C 20 8.93 32.89 23.83
CA GLU C 20 10.04 32.68 24.74
C GLU C 20 9.52 32.60 26.18
N ILE C 21 10.15 31.75 26.98
CA ILE C 21 9.79 31.62 28.38
C ILE C 21 11.07 31.81 29.18
N PRO C 22 10.98 32.05 30.51
CA PRO C 22 12.19 32.11 31.31
C PRO C 22 13.12 30.91 31.09
N GLY C 23 14.42 31.18 31.09
CA GLY C 23 15.41 30.16 30.81
C GLY C 23 15.79 29.33 32.02
N LEU C 24 16.79 28.47 31.83
CA LEU C 24 17.40 27.77 32.95
C LEU C 24 17.96 28.73 33.99
N SER C 25 17.54 28.52 35.24
CA SER C 25 18.11 29.22 36.39
C SER C 25 19.62 29.13 36.40
N GLU C 26 20.29 30.20 36.81
CA GLU C 26 21.72 30.14 37.06
C GLU C 26 21.99 29.08 38.13
N GLU C 27 23.10 28.40 38.01
CA GLU C 27 23.51 27.38 38.98
C GLU C 27 24.90 27.72 39.51
N GLU C 28 24.96 28.19 40.76
CA GLU C 28 26.26 28.52 41.37
C GLU C 28 27.04 27.25 41.75
N ASP C 29 28.33 27.45 42.07
CA ASP C 29 29.28 26.36 42.36
C ASP C 29 29.07 25.08 41.53
N PRO C 30 29.25 25.16 40.17
CA PRO C 30 29.47 23.92 39.42
C PRO C 30 31.00 23.75 39.29
N ALA C 31 31.50 22.52 39.15
CA ALA C 31 32.96 22.29 39.15
C ALA C 31 33.69 23.06 38.02
N PRO C 32 34.96 23.48 38.25
CA PRO C 32 35.72 24.14 37.17
C PRO C 32 36.25 23.14 36.12
N SER C 33 36.24 21.86 36.49
CA SER C 33 36.62 20.78 35.58
C SER C 33 35.50 20.43 34.59
N ARG C 34 34.28 20.93 34.86
CA ARG C 34 33.14 20.71 33.97
C ARG C 34 33.23 21.58 32.71
N LYS C 35 33.14 20.95 31.54
CA LYS C 35 33.40 21.57 30.25
C LYS C 35 32.12 22.11 29.60
N ILE C 36 31.05 21.33 29.71
CA ILE C 36 29.73 21.75 29.24
C ILE C 36 29.12 22.80 30.19
N HIS C 37 28.25 23.64 29.66
CA HIS C 37 27.53 24.64 30.44
C HIS C 37 26.11 24.78 29.92
N PHE C 38 25.28 25.49 30.66
CA PHE C 38 23.89 25.60 30.33
C PHE C 38 23.48 27.04 30.13
N SER C 39 22.88 27.31 28.98
CA SER C 39 22.31 28.61 28.69
C SER C 39 21.33 29.12 29.76
N THR C 40 21.44 30.43 30.04
CA THR C 40 20.48 31.16 30.86
C THR C 40 19.49 31.97 30.01
N ALA C 41 19.62 31.84 28.69
CA ALA C 41 18.82 32.60 27.74
C ALA C 41 17.37 32.10 27.75
N PRO C 42 16.42 32.95 27.29
CA PRO C 42 15.07 32.44 27.25
C PRO C 42 14.95 31.15 26.44
N ILE C 43 14.05 30.25 26.86
CA ILE C 43 13.77 29.01 26.17
C ILE C 43 12.68 29.30 25.15
N GLN C 44 12.99 28.99 23.91
CA GLN C 44 12.03 29.05 22.81
C GLN C 44 11.03 27.91 22.88
N VAL C 45 9.76 28.26 22.92
CA VAL C 45 8.66 27.31 22.91
C VAL C 45 8.00 27.43 21.56
N PHE C 46 8.17 26.42 20.72
CA PHE C 46 7.57 26.45 19.42
C PHE C 46 6.24 25.71 19.46
N SER C 47 5.38 26.07 18.51
CA SER C 47 4.03 25.61 18.51
C SER C 47 3.86 24.41 17.61
N THR C 48 3.27 23.35 18.12
CA THR C 48 2.89 22.25 17.23
C THR C 48 1.35 22.15 17.22
N TYR C 49 0.80 21.14 16.55
CA TYR C 49 -0.65 21.00 16.37
C TYR C 49 -1.38 20.76 17.68
N SER C 50 -2.59 21.28 17.73
CA SER C 50 -3.52 21.01 18.82
C SER C 50 -3.93 19.56 18.74
N ASN C 51 -4.57 19.05 19.80
CA ASN C 51 -5.15 17.70 19.76
C ASN C 51 -6.35 17.64 18.83
N GLU C 52 -7.05 18.76 18.67
CA GLU C 52 -8.15 18.88 17.70
C GLU C 52 -7.63 18.77 16.27
N ASP C 53 -6.48 19.39 15.98
CA ASP C 53 -5.88 19.31 14.64
C ASP C 53 -5.21 17.97 14.33
N TYR C 54 -4.60 17.37 15.35
CA TYR C 54 -3.82 16.16 15.26
C TYR C 54 -4.23 15.22 16.37
N ASP C 55 -5.02 14.22 16.01
CA ASP C 55 -5.40 13.18 16.95
C ASP C 55 -4.24 12.20 17.12
N ARG C 56 -3.57 12.26 18.26
CA ARG C 56 -2.42 11.41 18.52
C ARG C 56 -2.81 10.06 19.14
N ARG C 57 -4.08 9.92 19.53
CA ARG C 57 -4.59 8.65 20.09
C ARG C 57 -4.47 7.53 19.06
N ASN C 58 -4.37 6.31 19.56
CA ASN C 58 -4.39 5.15 18.67
C ASN C 58 -5.04 4.00 19.41
N GLU C 59 -6.34 3.84 19.20
CA GLU C 59 -7.15 2.84 19.89
C GLU C 59 -6.88 1.41 19.39
N ASP C 60 -6.06 1.27 18.34
CA ASP C 60 -5.82 -0.02 17.67
C ASP C 60 -4.70 -0.88 18.25
N VAL C 61 -3.87 -0.25 19.08
CA VAL C 61 -2.88 -0.98 19.85
C VAL C 61 -3.62 -1.82 20.91
N ASP C 62 -3.31 -3.11 20.93
CA ASP C 62 -3.87 -4.06 21.87
C ASP C 62 -2.77 -5.07 22.19
N PRO C 63 -1.95 -4.79 23.22
CA PRO C 63 -0.82 -5.67 23.57
C PRO C 63 -1.18 -7.10 24.05
N MET C 64 -2.38 -7.29 24.61
CA MET C 64 -2.81 -8.62 25.05
C MET C 64 -3.09 -9.55 23.87
N ALA C 65 -3.81 -9.04 22.86
CA ALA C 65 -4.12 -9.78 21.62
C ALA C 65 -2.85 -10.06 20.83
N ALA C 66 -1.99 -9.04 20.72
CA ALA C 66 -0.74 -9.18 19.99
C ALA C 66 0.14 -10.23 20.64
N SER C 67 0.26 -10.17 21.96
CA SER C 67 1.09 -11.15 22.64
C SER C 67 0.57 -12.59 22.45
N ALA C 68 -0.74 -12.75 22.46
CA ALA C 68 -1.34 -14.06 22.20
C ALA C 68 -0.99 -14.54 20.78
N GLU C 69 -1.12 -13.67 19.77
CA GLU C 69 -0.70 -14.06 18.42
C GLU C 69 0.78 -14.44 18.36
N TYR C 70 1.63 -13.62 18.99
CA TYR C 70 3.07 -13.77 18.98
C TYR C 70 3.53 -15.12 19.56
N GLU C 71 2.89 -15.56 20.64
CA GLU C 71 3.22 -16.85 21.27
C GLU C 71 2.97 -18.00 20.29
N LEU C 72 1.85 -17.91 19.56
CA LEU C 72 1.58 -18.84 18.46
C LEU C 72 2.60 -18.79 17.33
N GLU C 73 2.88 -17.58 16.82
CA GLU C 73 3.90 -17.34 15.78
C GLU C 73 5.27 -17.93 16.12
N LYS C 74 5.58 -17.96 17.41
CA LYS C 74 6.89 -18.38 17.87
C LYS C 74 7.05 -19.87 17.64
N ARG C 75 5.96 -20.61 17.86
CA ARG C 75 5.96 -22.07 17.66
C ARG C 75 6.06 -22.44 16.18
N VAL C 76 5.33 -21.73 15.34
CA VAL C 76 5.29 -22.00 13.89
C VAL C 76 6.65 -21.94 13.20
N GLU C 77 7.47 -20.95 13.55
CA GLU C 77 8.75 -20.79 12.86
C GLU C 77 9.85 -21.68 13.43
N ARG C 78 9.44 -22.70 14.18
CA ARG C 78 10.30 -23.85 14.49
C ARG C 78 10.00 -24.95 13.46
N LEU C 79 8.89 -24.78 12.73
CA LEU C 79 8.40 -25.77 11.77
C LEU C 79 8.96 -25.45 10.41
N GLU C 80 9.28 -26.47 9.63
CA GLU C 80 9.74 -26.26 8.25
C GLU C 80 8.53 -26.02 7.36
N LEU C 81 8.58 -24.89 6.64
CA LEU C 81 7.45 -24.40 5.83
C LEU C 81 7.60 -24.78 4.36
N PHE C 82 6.51 -25.26 3.74
CA PHE C 82 6.54 -25.63 2.31
C PHE C 82 5.27 -25.31 1.51
N PRO C 83 5.43 -24.80 0.28
CA PRO C 83 4.30 -24.41 -0.59
C PRO C 83 3.56 -25.63 -1.13
N VAL C 84 2.22 -25.58 -1.10
CA VAL C 84 1.38 -26.62 -1.70
C VAL C 84 0.33 -25.93 -2.60
N GLU C 85 0.08 -26.49 -3.78
CA GLU C 85 -0.95 -25.95 -4.68
C GLU C 85 -1.95 -27.04 -5.05
N LEU C 86 -3.23 -26.81 -4.71
CA LEU C 86 -4.30 -27.75 -5.03
C LEU C 86 -5.31 -27.18 -6.02
N GLU C 87 -5.73 -28.02 -6.97
CA GLU C 87 -6.91 -27.72 -7.77
C GLU C 87 -8.18 -27.96 -6.93
N LYS C 88 -8.93 -26.89 -6.70
CA LYS C 88 -10.23 -27.00 -6.04
C LYS C 88 -11.30 -27.48 -7.03
N ASP C 89 -11.72 -28.74 -6.87
CA ASP C 89 -12.80 -29.30 -7.66
C ASP C 89 -14.17 -29.14 -6.97
N SER C 90 -15.18 -29.76 -7.56
CA SER C 90 -16.59 -29.71 -7.10
C SER C 90 -16.83 -30.23 -5.67
N GLU C 91 -15.99 -31.17 -5.23
CA GLU C 91 -16.11 -31.73 -3.90
C GLU C 91 -15.61 -30.73 -2.85
N GLY C 92 -14.75 -29.80 -3.28
CA GLY C 92 -14.08 -28.85 -2.38
C GLY C 92 -12.57 -29.11 -2.29
N LEU C 93 -11.98 -28.83 -1.13
CA LEU C 93 -10.53 -29.07 -0.95
C LEU C 93 -10.17 -30.46 -0.39
N GLY C 94 -11.16 -31.20 0.09
CA GLY C 94 -10.94 -32.51 0.67
C GLY C 94 -10.15 -32.50 1.97
N ILE C 95 -10.31 -31.44 2.76
CA ILE C 95 -9.76 -31.37 4.12
C ILE C 95 -10.78 -30.82 5.12
N SER C 96 -10.66 -31.28 6.37
CA SER C 96 -11.29 -30.60 7.50
C SER C 96 -10.18 -30.07 8.41
N ILE C 97 -10.54 -29.13 9.28
CA ILE C 97 -9.57 -28.41 10.10
C ILE C 97 -9.99 -28.39 11.57
N ILE C 98 -9.00 -28.16 12.44
CA ILE C 98 -9.21 -27.97 13.88
C ILE C 98 -8.29 -26.86 14.40
N GLY C 99 -8.84 -25.91 15.16
CA GLY C 99 -8.02 -24.89 15.81
C GLY C 99 -7.48 -25.39 17.13
N MET C 100 -6.19 -25.16 17.38
CA MET C 100 -5.59 -25.45 18.67
C MET C 100 -4.85 -24.21 19.15
N GLY C 101 -5.01 -23.88 20.45
CA GLY C 101 -4.34 -22.71 21.07
C GLY C 101 -2.86 -22.94 21.38
N ALA C 102 -2.13 -21.85 21.60
CA ALA C 102 -0.73 -21.92 21.98
C ALA C 102 -0.64 -22.13 23.49
N GLY C 103 -0.91 -23.36 23.93
CA GLY C 103 -0.92 -23.67 25.35
C GLY C 103 -2.24 -24.29 25.77
N ALA C 104 -2.43 -24.36 27.10
CA ALA C 104 -3.56 -25.01 27.74
C ALA C 104 -4.82 -24.10 27.82
N ASP C 105 -5.97 -24.59 27.35
CA ASP C 105 -7.28 -23.93 27.54
C ASP C 105 -7.22 -22.43 27.23
N MET C 106 -6.84 -22.08 26.00
CA MET C 106 -6.71 -20.68 25.64
C MET C 106 -8.04 -20.07 25.18
N GLY C 107 -9.01 -20.91 24.85
CA GLY C 107 -10.23 -20.37 24.26
C GLY C 107 -10.19 -20.35 22.74
N LEU C 108 -10.89 -19.40 22.12
CA LEU C 108 -11.26 -19.50 20.69
C LEU C 108 -10.62 -18.50 19.74
N GLU C 109 -9.88 -17.51 20.25
CA GLU C 109 -9.51 -16.28 19.48
C GLU C 109 -8.23 -16.42 18.65
N LYS C 110 -7.19 -17.03 19.20
CA LYS C 110 -5.90 -16.94 18.49
C LYS C 110 -5.37 -18.35 18.32
N LEU C 111 -5.80 -19.03 17.26
CA LEU C 111 -5.54 -20.45 17.12
C LEU C 111 -4.62 -20.74 15.95
N GLY C 112 -3.95 -21.88 16.02
CA GLY C 112 -3.32 -22.46 14.86
C GLY C 112 -4.31 -23.41 14.20
N ILE C 113 -4.29 -23.44 12.87
CA ILE C 113 -5.29 -24.18 12.11
C ILE C 113 -4.59 -25.40 11.51
N PHE C 114 -4.94 -26.56 12.04
CA PHE C 114 -4.38 -27.83 11.65
C PHE C 114 -5.36 -28.64 10.82
N VAL C 115 -4.82 -29.42 9.91
CA VAL C 115 -5.59 -30.41 9.17
C VAL C 115 -5.98 -31.54 10.14
N LYS C 116 -7.28 -31.73 10.35
CA LYS C 116 -7.81 -32.82 11.17
C LYS C 116 -8.15 -34.04 10.32
N THR C 117 -8.61 -33.78 9.10
CA THR C 117 -9.15 -34.77 8.17
C THR C 117 -8.70 -34.49 6.74
N VAL C 118 -8.34 -35.56 6.03
CA VAL C 118 -8.01 -35.51 4.61
C VAL C 118 -8.95 -36.50 3.93
N THR C 119 -9.96 -35.98 3.24
CA THR C 119 -11.03 -36.82 2.67
C THR C 119 -10.50 -37.74 1.56
N GLU C 120 -10.75 -39.05 1.70
CA GLU C 120 -10.35 -40.05 0.67
C GLU C 120 -10.97 -39.72 -0.69
N GLY C 121 -10.14 -39.72 -1.74
CA GLY C 121 -10.59 -39.35 -3.10
C GLY C 121 -10.58 -37.85 -3.38
N GLY C 122 -10.61 -37.05 -2.32
CA GLY C 122 -10.62 -35.58 -2.40
C GLY C 122 -9.32 -35.00 -2.94
N ALA C 123 -9.38 -33.72 -3.32
CA ALA C 123 -8.27 -32.99 -3.95
C ALA C 123 -6.96 -32.96 -3.15
N ALA C 124 -7.06 -32.83 -1.83
CA ALA C 124 -5.88 -32.82 -0.96
C ALA C 124 -5.22 -34.20 -0.93
N HIS C 125 -6.04 -35.25 -0.85
CA HIS C 125 -5.58 -36.63 -0.80
C HIS C 125 -4.94 -37.08 -2.12
N ARG C 126 -5.63 -36.83 -3.25
CA ARG C 126 -5.13 -37.20 -4.58
C ARG C 126 -3.73 -36.60 -4.87
N ASP C 127 -3.46 -35.47 -4.23
CA ASP C 127 -2.21 -34.71 -4.39
C ASP C 127 -1.01 -35.25 -3.58
N GLY C 128 -1.25 -35.64 -2.33
CA GLY C 128 -0.28 -36.40 -1.52
C GLY C 128 0.53 -35.67 -0.45
N ARG C 129 0.70 -34.36 -0.62
CA ARG C 129 1.60 -33.52 0.20
C ARG C 129 1.03 -33.04 1.54
N ILE C 130 -0.31 -33.08 1.67
CA ILE C 130 -0.98 -32.64 2.92
C ILE C 130 -1.46 -33.85 3.75
N GLN C 131 -1.08 -33.88 5.04
CA GLN C 131 -1.46 -34.95 5.97
C GLN C 131 -2.13 -34.39 7.22
N VAL C 132 -2.88 -35.23 7.94
CA VAL C 132 -3.40 -34.89 9.28
C VAL C 132 -2.27 -34.32 10.16
N ASN C 133 -2.61 -33.29 10.94
CA ASN C 133 -1.65 -32.51 11.77
C ASN C 133 -0.74 -31.53 11.08
N ASP C 134 -0.89 -31.37 9.76
CA ASP C 134 -0.19 -30.30 9.08
C ASP C 134 -0.80 -28.99 9.54
N LEU C 135 0.01 -27.93 9.55
CA LEU C 135 -0.47 -26.62 9.95
C LEU C 135 -0.70 -25.75 8.72
N LEU C 136 -1.88 -25.18 8.62
CA LEU C 136 -2.17 -24.26 7.53
C LEU C 136 -1.73 -22.89 7.97
N VAL C 137 -0.60 -22.47 7.42
CA VAL C 137 0.06 -21.18 7.69
C VAL C 137 -0.55 -20.02 6.86
N GLU C 138 -0.82 -20.29 5.59
CA GLU C 138 -1.32 -19.27 4.66
C GLU C 138 -2.16 -19.97 3.57
N VAL C 139 -3.28 -19.34 3.23
CA VAL C 139 -4.17 -19.79 2.14
C VAL C 139 -4.65 -18.57 1.35
N ASP C 140 -4.52 -18.60 0.02
CA ASP C 140 -4.93 -17.48 -0.83
C ASP C 140 -4.22 -16.19 -0.44
N GLY C 141 -3.01 -16.32 0.09
CA GLY C 141 -2.21 -15.15 0.51
C GLY C 141 -2.62 -14.55 1.84
N THR C 142 -3.57 -15.21 2.51
CA THR C 142 -4.15 -14.80 3.81
C THR C 142 -3.56 -15.63 4.95
N SER C 143 -2.96 -14.98 5.94
CA SER C 143 -2.39 -15.72 7.10
C SER C 143 -3.48 -16.37 7.95
N LEU C 144 -3.24 -17.63 8.36
CA LEU C 144 -4.15 -18.34 9.27
C LEU C 144 -3.45 -18.64 10.57
N VAL C 145 -2.38 -17.91 10.87
CA VAL C 145 -1.67 -18.10 12.13
C VAL C 145 -2.27 -17.16 13.21
N GLY C 146 -2.96 -17.74 14.20
CA GLY C 146 -3.52 -16.97 15.31
C GLY C 146 -4.82 -16.34 14.85
N VAL C 147 -5.69 -17.17 14.29
CA VAL C 147 -6.98 -16.75 13.79
C VAL C 147 -8.07 -17.58 14.49
N THR C 148 -9.33 -17.24 14.29
CA THR C 148 -10.41 -18.07 14.82
C THR C 148 -10.66 -19.22 13.83
N GLN C 149 -11.25 -20.32 14.28
CA GLN C 149 -11.59 -21.40 13.37
C GLN C 149 -12.66 -20.97 12.32
N SER C 150 -13.58 -20.07 12.69
CA SER C 150 -14.57 -19.55 11.73
C SER C 150 -13.96 -18.65 10.62
N PHE C 151 -13.00 -17.82 10.99
CA PHE C 151 -12.27 -17.02 10.00
C PHE C 151 -11.55 -17.98 9.05
N ALA C 152 -10.83 -18.96 9.59
CA ALA C 152 -10.17 -20.01 8.76
C ALA C 152 -11.15 -20.69 7.79
N ALA C 153 -12.27 -21.12 8.32
CA ALA C 153 -13.32 -21.79 7.52
C ALA C 153 -13.80 -20.89 6.38
N SER C 154 -14.01 -19.61 6.68
CA SER C 154 -14.44 -18.65 5.68
C SER C 154 -13.42 -18.53 4.53
N VAL C 155 -12.13 -18.40 4.87
CA VAL C 155 -11.03 -18.28 3.90
C VAL C 155 -10.98 -19.47 2.97
N LEU C 156 -11.11 -20.66 3.58
CA LEU C 156 -11.12 -21.93 2.83
C LEU C 156 -12.31 -22.13 1.90
N ARG C 157 -13.51 -21.79 2.36
CA ARG C 157 -14.71 -21.92 1.50
C ARG C 157 -14.69 -20.90 0.34
N ASN C 158 -14.08 -19.74 0.58
CA ASN C 158 -13.99 -18.69 -0.46
C ASN C 158 -12.95 -18.94 -1.56
N THR C 159 -12.11 -19.95 -1.37
CA THR C 159 -11.05 -20.35 -2.35
C THR C 159 -11.66 -20.92 -3.64
N LYS C 160 -11.00 -20.69 -4.78
CA LYS C 160 -11.47 -21.17 -6.07
C LYS C 160 -10.28 -21.57 -6.96
N GLY C 161 -10.52 -22.51 -7.87
CA GLY C 161 -9.51 -22.98 -8.83
C GLY C 161 -8.26 -23.55 -8.15
N ARG C 162 -7.10 -23.13 -8.65
CA ARG C 162 -5.82 -23.60 -8.12
C ARG C 162 -5.52 -22.78 -6.87
N VAL C 163 -5.57 -23.43 -5.70
CA VAL C 163 -5.45 -22.74 -4.41
C VAL C 163 -4.02 -22.90 -3.82
N ARG C 164 -3.41 -21.78 -3.42
CA ARG C 164 -2.00 -21.74 -2.99
C ARG C 164 -1.92 -21.75 -1.47
N PHE C 165 -1.19 -22.74 -0.94
CA PHE C 165 -0.96 -22.91 0.50
C PHE C 165 0.50 -22.74 0.91
N MET C 166 0.68 -22.38 2.17
CA MET C 166 1.93 -22.62 2.88
C MET C 166 1.58 -23.54 4.05
N ILE C 167 2.29 -24.66 4.14
CA ILE C 167 2.02 -25.70 5.12
C ILE C 167 3.23 -25.87 6.06
N GLY C 168 2.94 -26.08 7.35
CA GLY C 168 3.97 -26.37 8.32
C GLY C 168 3.80 -27.77 8.87
N ARG C 169 4.92 -28.41 9.15
CA ARG C 169 4.95 -29.65 9.93
C ARG C 169 6.31 -29.79 10.64
N GLU C 170 6.29 -30.47 11.80
CA GLU C 170 7.51 -30.84 12.59
C GLU C 170 8.01 -29.76 13.53
N PRO D 11 0.31 25.63 -9.72
CA PRO D 11 -0.95 24.96 -9.44
C PRO D 11 -1.71 24.59 -10.73
N TYR D 12 -1.93 23.29 -10.95
CA TYR D 12 -2.69 22.83 -12.12
C TYR D 12 -4.20 23.00 -11.92
N GLU D 13 -4.88 23.52 -12.95
CA GLU D 13 -6.35 23.62 -12.94
C GLU D 13 -6.94 22.98 -14.20
N PRO D 14 -7.63 21.82 -14.03
CA PRO D 14 -8.24 21.11 -15.16
C PRO D 14 -9.31 21.96 -15.85
N GLU D 15 -9.36 21.88 -17.18
CA GLU D 15 -10.38 22.59 -17.94
C GLU D 15 -11.33 21.58 -18.58
N SER D 16 -12.62 21.74 -18.31
CA SER D 16 -13.68 20.89 -18.83
C SER D 16 -14.57 21.67 -19.77
N GLY D 17 -15.03 20.99 -20.82
CA GLY D 17 -15.92 21.59 -21.79
C GLY D 17 -16.64 20.55 -22.63
N CYS D 18 -17.62 21.04 -23.38
CA CYS D 18 -18.43 20.25 -24.26
C CYS D 18 -18.82 21.09 -25.48
N VAL D 19 -18.63 20.49 -26.65
CA VAL D 19 -18.96 21.06 -27.93
C VAL D 19 -19.92 20.03 -28.54
N GLU D 20 -20.99 20.47 -29.19
CA GLU D 20 -21.84 19.53 -29.88
C GLU D 20 -21.51 19.55 -31.36
N ILE D 21 -21.59 18.37 -31.98
CA ILE D 21 -21.40 18.25 -33.45
C ILE D 21 -22.63 17.61 -34.15
N PRO D 22 -22.77 17.78 -35.49
CA PRO D 22 -23.92 17.10 -36.10
C PRO D 22 -23.97 15.63 -35.68
N GLY D 23 -25.15 15.08 -35.46
CA GLY D 23 -25.26 13.69 -34.99
C GLY D 23 -25.31 12.66 -36.10
N LEU D 24 -25.47 11.40 -35.72
CA LEU D 24 -25.73 10.32 -36.69
C LEU D 24 -26.79 10.66 -37.73
N SER D 25 -26.44 10.47 -38.99
CA SER D 25 -27.41 10.60 -40.08
C SER D 25 -28.57 9.64 -39.86
N GLU D 26 -29.71 10.01 -40.41
CA GLU D 26 -30.88 9.15 -40.44
C GLU D 26 -30.51 8.02 -41.40
N GLU D 27 -30.68 6.78 -40.97
CA GLU D 27 -30.31 5.66 -41.85
C GLU D 27 -31.42 5.31 -42.84
N GLU D 28 -31.04 4.86 -44.04
CA GLU D 28 -32.03 4.57 -45.08
C GLU D 28 -32.66 3.19 -44.85
N ASP D 29 -34.00 3.15 -44.96
CA ASP D 29 -34.85 1.94 -44.80
C ASP D 29 -34.39 0.91 -43.73
N PRO D 30 -34.69 1.17 -42.44
CA PRO D 30 -34.29 0.21 -41.40
C PRO D 30 -35.30 -0.92 -41.29
N ALA D 31 -34.87 -2.07 -40.77
CA ALA D 31 -35.79 -3.20 -40.55
C ALA D 31 -36.84 -2.78 -39.50
N PRO D 32 -38.14 -3.06 -39.79
CA PRO D 32 -39.21 -2.68 -38.83
C PRO D 32 -39.16 -3.57 -37.59
N SER D 33 -38.64 -4.78 -37.77
CA SER D 33 -38.52 -5.77 -36.71
C SER D 33 -37.45 -5.37 -35.67
N ARG D 34 -36.66 -4.34 -35.99
CA ARG D 34 -35.57 -3.85 -35.12
C ARG D 34 -36.12 -2.99 -33.97
N LYS D 35 -35.70 -3.29 -32.74
CA LYS D 35 -36.22 -2.57 -31.58
C LYS D 35 -35.33 -1.42 -31.18
N ILE D 36 -34.02 -1.60 -31.28
CA ILE D 36 -33.14 -0.53 -30.95
C ILE D 36 -33.13 0.51 -32.10
N HIS D 37 -32.83 1.75 -31.74
CA HIS D 37 -32.69 2.78 -32.75
C HIS D 37 -31.55 3.65 -32.40
N PHE D 38 -31.11 4.45 -33.33
CA PHE D 38 -29.96 5.28 -33.13
C PHE D 38 -30.39 6.74 -33.14
N SER D 39 -29.89 7.50 -32.18
CA SER D 39 -30.17 8.92 -32.10
C SER D 39 -29.72 9.68 -33.32
N THR D 40 -30.52 10.68 -33.69
CA THR D 40 -30.12 11.67 -34.68
C THR D 40 -29.78 13.02 -34.01
N ALA D 41 -29.86 13.07 -32.68
CA ALA D 41 -29.58 14.28 -31.92
C ALA D 41 -28.07 14.57 -32.01
N PRO D 42 -27.68 15.82 -31.69
CA PRO D 42 -26.27 16.16 -31.80
C PRO D 42 -25.41 15.30 -30.88
N ILE D 43 -24.22 14.97 -31.35
CA ILE D 43 -23.23 14.27 -30.54
C ILE D 43 -22.47 15.27 -29.62
N GLN D 44 -22.37 14.96 -28.33
CA GLN D 44 -21.54 15.69 -27.40
C GLN D 44 -20.09 15.26 -27.52
N VAL D 45 -19.22 16.22 -27.83
CA VAL D 45 -17.77 16.03 -27.79
C VAL D 45 -17.19 16.72 -26.55
N PHE D 46 -16.84 15.90 -25.55
CA PHE D 46 -16.30 16.38 -24.27
C PHE D 46 -14.77 16.44 -24.38
N SER D 47 -14.16 17.40 -23.70
CA SER D 47 -12.71 17.57 -23.82
CA SER D 47 -12.72 17.63 -23.79
C SER D 47 -11.94 16.87 -22.70
N THR D 48 -11.02 16.01 -23.09
CA THR D 48 -10.10 15.44 -22.14
C THR D 48 -8.74 16.13 -22.27
N TYR D 49 -7.72 15.60 -21.57
CA TYR D 49 -6.41 16.23 -21.52
C TYR D 49 -5.71 16.13 -22.86
N SER D 50 -5.04 17.23 -23.20
CA SER D 50 -4.14 17.26 -24.32
C SER D 50 -2.95 16.37 -24.01
N ASN D 51 -2.16 16.07 -25.04
CA ASN D 51 -0.95 15.28 -24.85
C ASN D 51 0.11 16.03 -24.03
N GLU D 52 0.12 17.35 -24.16
CA GLU D 52 0.99 18.18 -23.33
C GLU D 52 0.67 18.00 -21.82
N ASP D 53 -0.61 18.03 -21.46
CA ASP D 53 -1.05 17.84 -20.07
C ASP D 53 -0.89 16.40 -19.56
N TYR D 54 -1.00 15.44 -20.48
CA TYR D 54 -1.04 14.02 -20.15
C TYR D 54 -0.28 13.19 -21.19
N ASP D 55 0.99 12.93 -20.91
CA ASP D 55 1.80 12.06 -21.71
C ASP D 55 1.26 10.65 -21.51
N ARG D 56 0.60 10.11 -22.53
CA ARG D 56 0.04 8.75 -22.46
C ARG D 56 1.03 7.66 -22.94
N ARG D 57 2.20 8.09 -23.44
CA ARG D 57 3.27 7.15 -23.77
C ARG D 57 3.77 6.34 -22.58
N ASN D 58 4.14 5.09 -22.85
CA ASN D 58 4.78 4.25 -21.85
C ASN D 58 5.94 3.49 -22.49
N GLU D 59 7.15 4.03 -22.39
CA GLU D 59 8.31 3.42 -23.03
C GLU D 59 8.90 2.24 -22.24
N ASP D 60 8.32 1.96 -21.06
CA ASP D 60 8.76 0.87 -20.15
C ASP D 60 8.27 -0.49 -20.60
N VAL D 61 7.30 -0.50 -21.51
CA VAL D 61 6.73 -1.74 -22.00
C VAL D 61 7.69 -2.38 -23.01
N ASP D 62 8.09 -3.61 -22.71
CA ASP D 62 9.03 -4.38 -23.52
C ASP D 62 8.57 -5.85 -23.59
N PRO D 63 7.63 -6.16 -24.50
CA PRO D 63 7.04 -7.51 -24.64
C PRO D 63 8.03 -8.64 -24.92
N MET D 64 9.14 -8.33 -25.58
CA MET D 64 10.11 -9.34 -25.96
C MET D 64 10.93 -9.83 -24.75
N ALA D 65 11.39 -8.88 -23.91
CA ALA D 65 12.13 -9.18 -22.66
C ALA D 65 11.24 -9.88 -21.63
N ALA D 66 10.04 -9.33 -21.44
CA ALA D 66 8.99 -9.97 -20.64
C ALA D 66 8.77 -11.45 -21.01
N SER D 67 8.54 -11.74 -22.30
CA SER D 67 8.38 -13.15 -22.77
C SER D 67 9.54 -14.00 -22.37
N ALA D 68 10.75 -13.46 -22.49
CA ALA D 68 11.94 -14.22 -22.11
C ALA D 68 11.93 -14.64 -20.63
N GLU D 69 11.69 -13.67 -19.72
CA GLU D 69 11.63 -13.96 -18.27
C GLU D 69 10.47 -14.92 -17.98
N TYR D 70 9.33 -14.68 -18.63
CA TYR D 70 8.16 -15.55 -18.47
C TYR D 70 8.52 -16.99 -18.83
N GLU D 71 9.18 -17.19 -19.96
CA GLU D 71 9.62 -18.53 -20.41
C GLU D 71 10.42 -19.24 -19.33
N LEU D 72 11.31 -18.50 -18.69
CA LEU D 72 12.12 -19.02 -17.62
C LEU D 72 11.27 -19.29 -16.37
N GLU D 73 10.38 -18.36 -16.02
CA GLU D 73 9.47 -18.54 -14.87
C GLU D 73 8.62 -19.81 -14.95
N LYS D 74 8.10 -20.10 -16.14
CA LYS D 74 7.33 -21.32 -16.42
C LYS D 74 8.13 -22.62 -16.26
N ARG D 75 9.47 -22.52 -16.21
CA ARG D 75 10.32 -23.66 -15.89
C ARG D 75 10.47 -23.76 -14.38
N VAL D 76 10.90 -22.65 -13.74
CA VAL D 76 11.10 -22.55 -12.28
C VAL D 76 10.05 -23.32 -11.46
C ACB E 1 1.69 -0.65 28.78
O ACB E 1 1.77 -1.89 28.61
OXT ACB E 1 2.54 0.15 28.30
CA ACB E 1 0.57 -0.11 29.63
N ACB E 1 0.39 1.34 29.58
CB ACB E 1 0.82 -0.52 31.08
CG ACB E 1 2.10 0.12 31.58
OD1 ACB E 1 2.11 1.30 31.93
C4 ACB E 1 -0.39 -0.20 31.97
N ARG E 2 3.20 -0.65 31.64
CA ARG E 2 4.49 -0.19 32.20
C ARG E 2 5.66 -0.30 31.24
C1 1ZN E 3 11.59 -9.50 29.59
O1 1ZN E 3 10.34 -9.08 29.06
C2 1ZN E 3 10.15 -7.67 29.19
C3 1ZN E 3 10.29 -6.98 27.83
C4 1ZN E 3 11.56 -7.26 27.06
C5 1ZN E 3 11.54 -8.13 25.97
C6 1ZN E 3 12.71 -8.38 25.26
C7 1ZN E 3 13.90 -7.74 25.61
C8 1ZN E 3 13.91 -6.86 26.70
C9 1ZN E 3 12.75 -6.63 27.41
C10 1ZN E 3 8.78 -7.42 29.80
C11 1ZN E 3 8.67 -8.07 31.19
C12 1ZN E 3 8.47 -5.94 29.91
C13 1ZN E 3 7.52 -5.29 29.19
C14 1ZN E 3 6.65 -5.95 28.14
C15 1ZN E 3 7.39 -3.85 29.47
C16 1ZN E 3 6.51 -3.04 28.90
CA 1ZN E 3 6.52 -1.56 29.27
N 1ZN E 3 5.62 -1.32 30.37
C18 1ZN E 3 6.13 -0.78 28.02
C19 1ZN E 3 7.01 -1.16 26.83
C 1ZN E 3 6.32 0.69 28.21
O 1ZN E 3 7.43 1.14 27.99
N FGA E 4 5.31 1.47 28.61
CA FGA E 4 5.51 2.91 28.74
C FGA E 4 5.80 3.64 27.44
O FGA E 4 6.67 4.55 27.48
CB FGA E 4 4.38 3.58 29.53
CG FGA E 4 3.00 3.52 28.89
CD FGA E 4 2.02 4.30 29.73
OE1 FGA E 4 2.51 5.07 30.54
OXT FGA E 4 5.19 3.33 26.39
N MDH E 5 0.68 4.15 29.59
CM MDH E 5 -0.24 4.66 30.60
CA MDH E 5 0.18 3.53 28.50
C MDH E 5 0.01 2.08 28.51
O MDH E 5 -0.45 1.56 27.51
CB MDH E 5 -0.19 4.21 27.40
CG MDH E 5 -0.06 5.71 27.26
C ACB F 1 2.39 -5.80 -30.19
O ACB F 1 2.96 -6.84 -29.78
OXT ACB F 1 1.24 -5.52 -29.82
CA ACB F 1 3.11 -4.90 -31.17
N ACB F 1 2.56 -3.54 -31.30
CB ACB F 1 3.05 -5.57 -32.54
CG ACB F 1 1.63 -5.61 -33.00
OD1 ACB F 1 1.00 -4.57 -33.18
C4 ACB F 1 3.91 -4.90 -33.61
N ARG F 2 1.10 -6.82 -33.17
CA ARG F 2 -0.27 -7.00 -33.59
C ARG F 2 -1.15 -7.47 -32.44
C1 1ZN F 3 -1.95 -17.98 -28.60
O1 1ZN F 3 -0.93 -16.97 -28.45
C2 1ZN F 3 -1.37 -15.63 -28.68
C3 1ZN F 3 -1.79 -14.95 -27.36
C4 1ZN F 3 -2.74 -15.71 -26.45
C5 1ZN F 3 -2.25 -16.43 -25.36
C6 1ZN F 3 -3.14 -17.09 -24.49
C7 1ZN F 3 -4.52 -17.04 -24.73
C8 1ZN F 3 -5.02 -16.34 -25.82
C9 1ZN F 3 -4.12 -15.68 -26.67
C10 1ZN F 3 -0.33 -14.77 -29.43
C11 1ZN F 3 0.15 -15.41 -30.71
C12 1ZN F 3 -0.88 -13.38 -29.82
C13 1ZN F 3 -0.50 -12.19 -29.32
C14 1ZN F 3 0.54 -12.07 -28.24
C15 1ZN F 3 -1.16 -10.96 -29.84
C16 1ZN F 3 -0.63 -9.76 -29.66
CA 1ZN F 3 -1.30 -8.50 -30.19
N 1ZN F 3 -0.55 -8.00 -31.35
C18 1ZN F 3 -1.40 -7.44 -29.09
C19 1ZN F 3 -1.77 -8.07 -27.75
C 1ZN F 3 -2.41 -6.36 -29.40
O 1ZN F 3 -3.58 -6.56 -29.14
N FGA F 4 -1.94 -5.21 -29.92
CA FGA F 4 -2.76 -4.10 -30.43
C FGA F 4 -3.28 -3.11 -29.39
O FGA F 4 -4.40 -2.55 -29.55
CB FGA F 4 -1.93 -3.35 -31.47
CG FGA F 4 -0.91 -2.41 -30.85
CD FGA F 4 -0.23 -1.54 -31.88
OE1 FGA F 4 -0.88 -1.13 -32.83
OXT FGA F 4 -2.59 -2.84 -28.39
N MDH F 5 1.07 -1.20 -31.71
CM MDH F 5 1.80 -0.55 -32.80
CA MDH F 5 1.66 -1.43 -30.51
C MDH F 5 2.46 -2.66 -30.30
O MDH F 5 3.00 -2.87 -29.20
CB MDH F 5 1.52 -0.54 -29.50
CG MDH F 5 0.72 0.73 -29.59
C1 GOL G . 10.93 22.29 4.48
O1 GOL G . 11.76 23.42 4.26
C2 GOL G . 11.35 21.04 3.68
O2 GOL G . 10.87 21.10 2.35
C3 GOL G . 12.85 20.77 3.67
O3 GOL G . 13.49 21.78 2.92
C1 GOL H . 23.05 22.56 17.31
O1 GOL H . 23.68 23.63 17.98
C2 GOL H . 23.13 22.78 15.80
O2 GOL H . 22.00 23.56 15.48
C3 GOL H . 23.05 21.45 15.04
O3 GOL H . 24.14 21.28 14.14
C1 GOL I . 31.04 8.89 13.47
O1 GOL I . 31.79 9.95 14.04
C2 GOL I . 31.95 8.01 12.63
O2 GOL I . 33.25 8.60 12.59
C3 GOL I . 31.30 7.92 11.26
O3 GOL I . 32.21 7.55 10.23
MN MN J . 9.46 5.42 24.53
MN MN K . 11.88 3.64 25.59
MN MN L . -7.22 -3.44 -26.16
MN MN M . -8.38 -6.33 -26.66
C1 GOL N . -8.53 -24.61 21.84
O1 GOL N . -9.84 -24.09 21.86
C2 GOL N . -8.49 -25.97 22.53
O2 GOL N . -8.04 -25.85 23.87
C3 GOL N . -7.59 -26.92 21.75
O3 GOL N . -6.24 -26.48 21.84
#